data_289D
# 
_entry.id   289D 
# 
_audit_conform.dict_name       mmcif_pdbx.dic 
_audit_conform.dict_version    5.389 
_audit_conform.dict_location   http://mmcif.pdb.org/dictionaries/ascii/mmcif_pdbx.dic 
# 
loop_
_database_2.database_id 
_database_2.database_code 
_database_2.pdbx_database_accession 
_database_2.pdbx_DOI 
PDB   289D         pdb_0000289d 10.2210/pdb289d/pdb 
RCSB  GDL045       ?            ?                   
WWPDB D_1000177701 ?            ?                   
# 
loop_
_pdbx_audit_revision_history.ordinal 
_pdbx_audit_revision_history.data_content_type 
_pdbx_audit_revision_history.major_revision 
_pdbx_audit_revision_history.minor_revision 
_pdbx_audit_revision_history.revision_date 
1 'Structure model' 1 0 1996-12-17 
2 'Structure model' 1 1 2008-05-22 
3 'Structure model' 1 2 2011-07-13 
4 'Structure model' 1 3 2024-02-14 
5 'Structure model' 1 4 2024-04-03 
# 
_pdbx_audit_revision_details.ordinal             1 
_pdbx_audit_revision_details.revision_ordinal    1 
_pdbx_audit_revision_details.data_content_type   'Structure model' 
_pdbx_audit_revision_details.provider            repository 
_pdbx_audit_revision_details.type                'Initial release' 
_pdbx_audit_revision_details.description         ? 
_pdbx_audit_revision_details.details             ? 
# 
loop_
_pdbx_audit_revision_group.ordinal 
_pdbx_audit_revision_group.revision_ordinal 
_pdbx_audit_revision_group.data_content_type 
_pdbx_audit_revision_group.group 
1 2 'Structure model' 'Version format compliance' 
2 3 'Structure model' 'Version format compliance' 
3 4 'Structure model' 'Data collection'           
4 4 'Structure model' 'Database references'       
5 4 'Structure model' 'Derived calculations'      
6 5 'Structure model' 'Refinement description'    
# 
loop_
_pdbx_audit_revision_category.ordinal 
_pdbx_audit_revision_category.revision_ordinal 
_pdbx_audit_revision_category.data_content_type 
_pdbx_audit_revision_category.category 
1 4 'Structure model' chem_comp_atom                
2 4 'Structure model' chem_comp_bond                
3 4 'Structure model' database_2                    
4 4 'Structure model' struct_site                   
5 5 'Structure model' pdbx_initial_refinement_model 
# 
loop_
_pdbx_audit_revision_item.ordinal 
_pdbx_audit_revision_item.revision_ordinal 
_pdbx_audit_revision_item.data_content_type 
_pdbx_audit_revision_item.item 
1 4 'Structure model' '_database_2.pdbx_DOI'                
2 4 'Structure model' '_database_2.pdbx_database_accession' 
3 4 'Structure model' '_struct_site.pdbx_auth_asym_id'      
4 4 'Structure model' '_struct_site.pdbx_auth_comp_id'      
5 4 'Structure model' '_struct_site.pdbx_auth_seq_id'       
# 
_pdbx_database_status.status_code                     REL 
_pdbx_database_status.entry_id                        289D 
_pdbx_database_status.recvd_initial_deposition_date   1996-10-10 
_pdbx_database_status.deposit_site                    NDB 
_pdbx_database_status.process_site                    NDB 
_pdbx_database_status.status_code_sf                  REL 
_pdbx_database_status.status_code_mr                  ? 
_pdbx_database_status.SG_entry                        ? 
_pdbx_database_status.pdb_format_compatible           Y 
_pdbx_database_status.status_code_cs                  ? 
_pdbx_database_status.status_code_nmr_data            ? 
_pdbx_database_status.methods_development_category    ? 
# 
loop_
_audit_author.name 
_audit_author.pdbx_ordinal 
'Trent, J.O.'    1 
'Clark, G.R.'    2 
'Kumar, A.'      3 
'Wilson, W.D.'   4 
'Boykin, D.W.'   5 
'Hall, J.E.'     6 
'Tidwell, R.R.'  7 
'Blagburn, B.L.' 8 
'Neidle, S.'     9 
# 
loop_
_citation.id 
_citation.title 
_citation.journal_abbrev 
_citation.journal_volume 
_citation.page_first 
_citation.page_last 
_citation.year 
_citation.journal_id_ASTM 
_citation.country 
_citation.journal_id_ISSN 
_citation.journal_id_CSD 
_citation.book_publisher 
_citation.pdbx_database_id_PubMed 
_citation.pdbx_database_id_DOI 
primary 
;Targeting the minor groove of DNA: crystal structures of two complexes between furan derivatives of berenil and the DNA dodecamer d(CGCGAATTCGCG)2.
;
J.Med.Chem.  39 4554 4562 1996 JMCMAR US 0022-2623 0151 ? 8917643 10.1021/jm9604484 
1       
;A Crystallographic and Spectroscopic Study of the Complex Between d(CGCGAATTCGCG)2 and 2,5-Bis(4-guanylphenyl)furan, an Analogue of Berenil. Structural Origins of Enhanced DNA-binding Affinity
;
Biochemistry 35 5655 5661 1996 BICHAW US 0006-2960 0033 ? ?       ?                 
# 
loop_
_citation_author.citation_id 
_citation_author.name 
_citation_author.ordinal 
_citation_author.identifier_ORCID 
primary 'Trent, J.O.'    1  ? 
primary 'Clark, G.R.'    2  ? 
primary 'Kumar, A.'      3  ? 
primary 'Wilson, W.D.'   4  ? 
primary 'Boykin, D.W.'   5  ? 
primary 'Hall, J.E.'     6  ? 
primary 'Tidwell, R.R.'  7  ? 
primary 'Blagburn, B.L.' 8  ? 
primary 'Neidle, S.'     9  ? 
1       'Laughton, C.A.' 10 ? 
1       'Tanious, F.'    11 ? 
1       'Nunn, C.M.'     12 ? 
1       'Boykin, D.W.'   13 ? 
1       'Wilson, W.D.'   14 ? 
1       'Neidle, S.'     15 ? 
# 
loop_
_entity.id 
_entity.type 
_entity.src_method 
_entity.pdbx_description 
_entity.formula_weight 
_entity.pdbx_number_of_molecules 
_entity.pdbx_ec 
_entity.pdbx_mutation 
_entity.pdbx_fragment 
_entity.details 
1 polymer     nat 
;DNA (5'-R(*CP*GP*CP*GP*AP*AP*TP*TP*CP*GP*CP*G)-3')
;
3663.392 2  ? ? ? ? 
2 non-polymer syn '2,5-BIS{[4-(N-CYCLOPROPYLDIAMINOMETHYL)PHENYL]}FURAN' 388.505  1  ? ? ? ? 
3 water       nat water                                                  18.015   51 ? ? ? ? 
# 
_entity_poly.entity_id                      1 
_entity_poly.type                           polydeoxyribonucleotide 
_entity_poly.nstd_linkage                   no 
_entity_poly.nstd_monomer                   no 
_entity_poly.pdbx_seq_one_letter_code       '(DC)(DG)(DC)(DG)(DA)(DA)(DT)(DT)(DC)(DG)(DC)(DG)' 
_entity_poly.pdbx_seq_one_letter_code_can   CGCGAATTCGCG 
_entity_poly.pdbx_strand_id                 A,B 
_entity_poly.pdbx_target_identifier         ? 
# 
loop_
_pdbx_entity_nonpoly.entity_id 
_pdbx_entity_nonpoly.name 
_pdbx_entity_nonpoly.comp_id 
2 '2,5-BIS{[4-(N-CYCLOPROPYLDIAMINOMETHYL)PHENYL]}FURAN' D19 
3 water                                                  HOH 
# 
loop_
_entity_poly_seq.entity_id 
_entity_poly_seq.num 
_entity_poly_seq.mon_id 
_entity_poly_seq.hetero 
1 1  DC n 
1 2  DG n 
1 3  DC n 
1 4  DG n 
1 5  DA n 
1 6  DA n 
1 7  DT n 
1 8  DT n 
1 9  DC n 
1 10 DG n 
1 11 DC n 
1 12 DG n 
# 
loop_
_chem_comp.id 
_chem_comp.type 
_chem_comp.mon_nstd_flag 
_chem_comp.name 
_chem_comp.pdbx_synonyms 
_chem_comp.formula 
_chem_comp.formula_weight 
D19 non-polymer   . '2,5-BIS{[4-(N-CYCLOPROPYLDIAMINOMETHYL)PHENYL]}FURAN' 'FURAMIDINE DERIVATIVE' 'C24 H28 N4 O'    388.505 
DA  'DNA linking' y "2'-DEOXYADENOSINE-5'-MONOPHOSPHATE"                   ?                       'C10 H14 N5 O6 P' 331.222 
DC  'DNA linking' y "2'-DEOXYCYTIDINE-5'-MONOPHOSPHATE"                    ?                       'C9 H14 N3 O7 P'  307.197 
DG  'DNA linking' y "2'-DEOXYGUANOSINE-5'-MONOPHOSPHATE"                   ?                       'C10 H14 N5 O7 P' 347.221 
DT  'DNA linking' y "THYMIDINE-5'-MONOPHOSPHATE"                           ?                       'C10 H15 N2 O8 P' 322.208 
HOH non-polymer   . WATER                                                  ?                       'H2 O'            18.015  
# 
loop_
_pdbx_poly_seq_scheme.asym_id 
_pdbx_poly_seq_scheme.entity_id 
_pdbx_poly_seq_scheme.seq_id 
_pdbx_poly_seq_scheme.mon_id 
_pdbx_poly_seq_scheme.ndb_seq_num 
_pdbx_poly_seq_scheme.pdb_seq_num 
_pdbx_poly_seq_scheme.auth_seq_num 
_pdbx_poly_seq_scheme.pdb_mon_id 
_pdbx_poly_seq_scheme.auth_mon_id 
_pdbx_poly_seq_scheme.pdb_strand_id 
_pdbx_poly_seq_scheme.pdb_ins_code 
_pdbx_poly_seq_scheme.hetero 
A 1 1  DC 1  1  1  DC C A . n 
A 1 2  DG 2  2  2  DG G A . n 
A 1 3  DC 3  3  3  DC C A . n 
A 1 4  DG 4  4  4  DG G A . n 
A 1 5  DA 5  5  5  DA A A . n 
A 1 6  DA 6  6  6  DA A A . n 
A 1 7  DT 7  7  7  DT T A . n 
A 1 8  DT 8  8  8  DT T A . n 
A 1 9  DC 9  9  9  DC C A . n 
A 1 10 DG 10 10 10 DG G A . n 
A 1 11 DC 11 11 11 DC C A . n 
A 1 12 DG 12 12 12 DG G A . n 
B 1 1  DC 1  13 13 DC C B . n 
B 1 2  DG 2  14 14 DG G B . n 
B 1 3  DC 3  15 15 DC C B . n 
B 1 4  DG 4  16 16 DG G B . n 
B 1 5  DA 5  17 17 DA A B . n 
B 1 6  DA 6  18 18 DA A B . n 
B 1 7  DT 7  19 19 DT T B . n 
B 1 8  DT 8  20 20 DT T B . n 
B 1 9  DC 9  21 21 DC C B . n 
B 1 10 DG 10 22 22 DG G B . n 
B 1 11 DC 11 23 23 DC C B . n 
B 1 12 DG 12 24 24 DG G B . n 
# 
loop_
_pdbx_nonpoly_scheme.asym_id 
_pdbx_nonpoly_scheme.entity_id 
_pdbx_nonpoly_scheme.mon_id 
_pdbx_nonpoly_scheme.ndb_seq_num 
_pdbx_nonpoly_scheme.pdb_seq_num 
_pdbx_nonpoly_scheme.auth_seq_num 
_pdbx_nonpoly_scheme.pdb_mon_id 
_pdbx_nonpoly_scheme.auth_mon_id 
_pdbx_nonpoly_scheme.pdb_strand_id 
_pdbx_nonpoly_scheme.pdb_ins_code 
C 2 D19 1  25 25 D19 D19 A . 
D 3 HOH 1  26 26 HOH HOH A . 
D 3 HOH 2  28 28 HOH HOH A . 
D 3 HOH 3  29 29 HOH HOH A . 
D 3 HOH 4  32 32 HOH HOH A . 
D 3 HOH 5  39 39 HOH HOH A . 
D 3 HOH 6  41 41 HOH HOH A . 
D 3 HOH 7  43 43 HOH HOH A . 
D 3 HOH 8  51 51 HOH HOH A . 
D 3 HOH 9  53 53 HOH HOH A . 
D 3 HOH 10 54 54 HOH HOH A . 
D 3 HOH 11 55 55 HOH HOH A . 
D 3 HOH 12 56 56 HOH HOH A . 
D 3 HOH 13 57 57 HOH HOH A . 
D 3 HOH 14 59 59 HOH HOH A . 
D 3 HOH 15 64 64 HOH HOH A . 
D 3 HOH 16 66 66 HOH HOH A . 
D 3 HOH 17 68 68 HOH HOH A . 
D 3 HOH 18 71 71 HOH HOH A . 
D 3 HOH 19 72 72 HOH HOH A . 
D 3 HOH 20 75 75 HOH HOH A . 
E 3 HOH 1  27 27 HOH HOH B . 
E 3 HOH 2  30 30 HOH HOH B . 
E 3 HOH 3  31 31 HOH HOH B . 
E 3 HOH 4  33 33 HOH HOH B . 
E 3 HOH 5  34 34 HOH HOH B . 
E 3 HOH 6  35 35 HOH HOH B . 
E 3 HOH 7  36 36 HOH HOH B . 
E 3 HOH 8  37 37 HOH HOH B . 
E 3 HOH 9  38 38 HOH HOH B . 
E 3 HOH 10 40 40 HOH HOH B . 
E 3 HOH 11 42 42 HOH HOH B . 
E 3 HOH 12 44 44 HOH HOH B . 
E 3 HOH 13 45 45 HOH HOH B . 
E 3 HOH 14 46 46 HOH HOH B . 
E 3 HOH 15 47 47 HOH HOH B . 
E 3 HOH 16 48 48 HOH HOH B . 
E 3 HOH 17 49 49 HOH HOH B . 
E 3 HOH 18 50 50 HOH HOH B . 
E 3 HOH 19 52 52 HOH HOH B . 
E 3 HOH 20 58 58 HOH HOH B . 
E 3 HOH 21 60 60 HOH HOH B . 
E 3 HOH 22 61 61 HOH HOH B . 
E 3 HOH 23 62 62 HOH HOH B . 
E 3 HOH 24 63 63 HOH HOH B . 
E 3 HOH 25 65 65 HOH HOH B . 
E 3 HOH 26 67 67 HOH HOH B . 
E 3 HOH 27 69 69 HOH HOH B . 
E 3 HOH 28 70 70 HOH HOH B . 
E 3 HOH 29 73 73 HOH HOH B . 
E 3 HOH 30 74 74 HOH HOH B . 
E 3 HOH 31 76 76 HOH HOH B . 
# 
loop_
_software.name 
_software.classification 
_software.version 
_software.citation_id 
_software.pdbx_ordinal 
X-PLOR refinement       .        ? 1 
XENGEN 'data reduction' 'V. 1.3' ? 2 
# 
_cell.entry_id           289D 
_cell.length_a           25.430 
_cell.length_b           40.660 
_cell.length_c           66.130 
_cell.angle_alpha        90.00 
_cell.angle_beta         90.00 
_cell.angle_gamma        90.00 
_cell.Z_PDB              8 
_cell.pdbx_unique_axis   ? 
# 
_symmetry.entry_id                         289D 
_symmetry.space_group_name_H-M             'P 21 21 21' 
_symmetry.pdbx_full_space_group_name_H-M   ? 
_symmetry.cell_setting                     ? 
_symmetry.Int_Tables_number                19 
# 
_exptl.entry_id          289D 
_exptl.method            'X-RAY DIFFRACTION' 
_exptl.crystals_number   ? 
# 
_exptl_crystal.id                    1 
_exptl_crystal.density_meas          ? 
_exptl_crystal.density_Matthews      2.33 
_exptl_crystal.density_percent_sol   47.28 
_exptl_crystal.description           ? 
# 
_exptl_crystal_grow.crystal_id      1 
_exptl_crystal_grow.method          'VAPOR DIFFUSION, HANGING DROP' 
_exptl_crystal_grow.temp            286.00 
_exptl_crystal_grow.temp_details    ? 
_exptl_crystal_grow.pH              7.00 
_exptl_crystal_grow.pdbx_details    'pH 7.00, VAPOR DIFFUSION, HANGING DROP, temperature 286.00K' 
_exptl_crystal_grow.pdbx_pH_range   ? 
# 
loop_
_exptl_crystal_grow_comp.crystal_id 
_exptl_crystal_grow_comp.id 
_exptl_crystal_grow_comp.sol_id 
_exptl_crystal_grow_comp.name 
_exptl_crystal_grow_comp.volume 
_exptl_crystal_grow_comp.conc 
_exptl_crystal_grow_comp.details 
1 1 1 WATER           ? ? ? 
1 2 1 MPD             ? ? ? 
1 3 1 MGCL2           ? ? ? 
1 4 1 SPERMINE        ? ? ? 
1 5 1 'NA CACODYLATE' ? ? ? 
1 6 2 WATER           ? ? ? 
1 7 2 MPD             ? ? ? 
# 
_diffrn.id                     1 
_diffrn.ambient_temp           287.00 
_diffrn.ambient_temp_details   ? 
_diffrn.crystal_id             1 
# 
_diffrn_detector.diffrn_id              1 
_diffrn_detector.detector               'AREA DETECTOR' 
_diffrn_detector.type                   XENTRONICS 
_diffrn_detector.pdbx_collection_date   1995-09-04 
_diffrn_detector.details                ? 
# 
_diffrn_radiation.diffrn_id                        1 
_diffrn_radiation.wavelength_id                    1 
_diffrn_radiation.pdbx_monochromatic_or_laue_m_l   M 
_diffrn_radiation.monochromator                    GRAPHITE 
_diffrn_radiation.pdbx_diffrn_protocol             ? 
_diffrn_radiation.pdbx_scattering_type             x-ray 
# 
_diffrn_radiation_wavelength.id           1 
_diffrn_radiation_wavelength.wavelength   1.5418 
_diffrn_radiation_wavelength.wt           1.0 
# 
_diffrn_source.diffrn_id                   1 
_diffrn_source.source                      'ROTATING ANODE' 
_diffrn_source.type                        ? 
_diffrn_source.pdbx_synchrotron_site       ? 
_diffrn_source.pdbx_synchrotron_beamline   ? 
_diffrn_source.pdbx_wavelength             1.5418 
_diffrn_source.pdbx_wavelength_list        ? 
# 
_reflns.entry_id                     289D 
_reflns.observed_criterion_sigma_I   ? 
_reflns.observed_criterion_sigma_F   ? 
_reflns.d_resolution_low             ? 
_reflns.d_resolution_high            2.200 
_reflns.number_obs                   3427 
_reflns.number_all                   ? 
_reflns.percent_possible_obs         91.400 
_reflns.pdbx_Rmerge_I_obs            0.0880000 
_reflns.pdbx_Rsym_value              ? 
_reflns.pdbx_netI_over_sigmaI        ? 
_reflns.B_iso_Wilson_estimate        ? 
_reflns.pdbx_redundancy              ? 
_reflns.pdbx_diffrn_id               1 
_reflns.pdbx_ordinal                 1 
# 
_refine.entry_id                                 289D 
_refine.ls_number_reflns_obs                     2817 
_refine.ls_number_reflns_all                     ? 
_refine.pdbx_ls_sigma_I                          ? 
_refine.pdbx_ls_sigma_F                          2.000 
_refine.pdbx_data_cutoff_high_absF               ? 
_refine.pdbx_data_cutoff_low_absF                ? 
_refine.pdbx_data_cutoff_high_rms_absF           ? 
_refine.ls_d_res_low                             8.000 
_refine.ls_d_res_high                            2.200 
_refine.ls_percent_reflns_obs                    ? 
_refine.ls_R_factor_obs                          0.1860000 
_refine.ls_R_factor_all                          ? 
_refine.ls_R_factor_R_work                       0.1860000 
_refine.ls_R_factor_R_free                       ? 
_refine.ls_R_factor_R_free_error                 ? 
_refine.ls_R_factor_R_free_error_details         ? 
_refine.ls_percent_reflns_R_free                 ? 
_refine.ls_number_reflns_R_free                  ? 
_refine.ls_number_parameters                     ? 
_refine.ls_number_restraints                     ? 
_refine.occupancy_min                            ? 
_refine.occupancy_max                            ? 
_refine.B_iso_mean                               ? 
_refine.aniso_B[1][1]                            ? 
_refine.aniso_B[2][2]                            ? 
_refine.aniso_B[3][3]                            ? 
_refine.aniso_B[1][2]                            ? 
_refine.aniso_B[1][3]                            ? 
_refine.aniso_B[2][3]                            ? 
_refine.solvent_model_details                    ? 
_refine.solvent_model_param_ksol                 ? 
_refine.solvent_model_param_bsol                 ? 
_refine.pdbx_ls_cross_valid_method               ? 
_refine.details                                  ? 
_refine.pdbx_starting_model                      BDL001 
_refine.pdbx_method_to_determine_struct          ? 
_refine.pdbx_isotropic_thermal_model             ? 
_refine.pdbx_stereochemistry_target_values       ? 
_refine.pdbx_stereochem_target_val_spec_case     ? 
_refine.pdbx_R_Free_selection_details            ? 
_refine.pdbx_overall_ESU_R                       ? 
_refine.pdbx_overall_ESU_R_Free                  ? 
_refine.overall_SU_ML                            ? 
_refine.overall_SU_B                             ? 
_refine.pdbx_refine_id                           'X-RAY DIFFRACTION' 
_refine.pdbx_diffrn_id                           1 
_refine.pdbx_TLS_residual_ADP_flag               ? 
_refine.correlation_coeff_Fo_to_Fc               ? 
_refine.correlation_coeff_Fo_to_Fc_free          ? 
_refine.pdbx_solvent_vdw_probe_radii             ? 
_refine.pdbx_solvent_ion_probe_radii             ? 
_refine.pdbx_solvent_shrinkage_radii             ? 
_refine.pdbx_overall_phase_error                 ? 
_refine.overall_SU_R_Cruickshank_DPI             ? 
_refine.pdbx_overall_SU_R_free_Cruickshank_DPI   ? 
_refine.pdbx_overall_SU_R_Blow_DPI               ? 
_refine.pdbx_overall_SU_R_free_Blow_DPI          ? 
# 
_refine_hist.pdbx_refine_id                   'X-RAY DIFFRACTION' 
_refine_hist.cycle_id                         LAST 
_refine_hist.pdbx_number_atoms_protein        0 
_refine_hist.pdbx_number_atoms_nucleic_acid   486 
_refine_hist.pdbx_number_atoms_ligand         29 
_refine_hist.number_atoms_solvent             51 
_refine_hist.number_atoms_total               566 
_refine_hist.d_res_high                       2.200 
_refine_hist.d_res_low                        8.000 
# 
loop_
_refine_ls_restr.type 
_refine_ls_restr.dev_ideal 
_refine_ls_restr.dev_ideal_target 
_refine_ls_restr.weight 
_refine_ls_restr.number 
_refine_ls_restr.pdbx_refine_id 
_refine_ls_restr.pdbx_restraint_function 
x_bond_d                0.009 ? ? ? 'X-RAY DIFFRACTION' ? 
x_bond_d_na             ?     ? ? ? 'X-RAY DIFFRACTION' ? 
x_bond_d_prot           ?     ? ? ? 'X-RAY DIFFRACTION' ? 
x_angle_d               ?     ? ? ? 'X-RAY DIFFRACTION' ? 
x_angle_d_na            ?     ? ? ? 'X-RAY DIFFRACTION' ? 
x_angle_d_prot          ?     ? ? ? 'X-RAY DIFFRACTION' ? 
x_angle_deg             1.47  ? ? ? 'X-RAY DIFFRACTION' ? 
x_angle_deg_na          ?     ? ? ? 'X-RAY DIFFRACTION' ? 
x_angle_deg_prot        ?     ? ? ? 'X-RAY DIFFRACTION' ? 
x_dihedral_angle_d      ?     ? ? ? 'X-RAY DIFFRACTION' ? 
x_dihedral_angle_d_na   ?     ? ? ? 'X-RAY DIFFRACTION' ? 
x_dihedral_angle_d_prot ?     ? ? ? 'X-RAY DIFFRACTION' ? 
x_improper_angle_d      ?     ? ? ? 'X-RAY DIFFRACTION' ? 
x_improper_angle_d_na   ?     ? ? ? 'X-RAY DIFFRACTION' ? 
x_improper_angle_d_prot ?     ? ? ? 'X-RAY DIFFRACTION' ? 
x_mcbond_it             ?     ? ? ? 'X-RAY DIFFRACTION' ? 
x_mcangle_it            ?     ? ? ? 'X-RAY DIFFRACTION' ? 
x_scbond_it             ?     ? ? ? 'X-RAY DIFFRACTION' ? 
x_scangle_it            ?     ? ? ? 'X-RAY DIFFRACTION' ? 
# 
_struct.entry_id                  289D 
_struct.title                     
;TARGETING THE MINOR GROOVE OF DNA: CRYSTAL STRUCTURES OF TWO COMPLEXES BETWEEN FURAN DERIVATIVES OF BERENIL AND THE DNA DODECAMER D(CGCGAATTCGCG)2
;
_struct.pdbx_model_details        ? 
_struct.pdbx_CASP_flag            ? 
_struct.pdbx_model_type_details   ? 
# 
_struct_keywords.entry_id        289D 
_struct_keywords.pdbx_keywords   DNA 
_struct_keywords.text            'B-DNA, DOUBLE HELIX, COMPLEXED WITH DRUG, DNA' 
# 
loop_
_struct_asym.id 
_struct_asym.pdbx_blank_PDB_chainid_flag 
_struct_asym.pdbx_modified 
_struct_asym.entity_id 
_struct_asym.details 
A N N 1 ? 
B N N 1 ? 
C N N 2 ? 
D N N 3 ? 
E N N 3 ? 
# 
_struct_ref.id                         1 
_struct_ref.entity_id                  1 
_struct_ref.db_name                    PDB 
_struct_ref.db_code                    289D 
_struct_ref.pdbx_db_accession          289D 
_struct_ref.pdbx_db_isoform            ? 
_struct_ref.pdbx_seq_one_letter_code   ? 
_struct_ref.pdbx_align_begin           ? 
# 
loop_
_struct_ref_seq.align_id 
_struct_ref_seq.ref_id 
_struct_ref_seq.pdbx_PDB_id_code 
_struct_ref_seq.pdbx_strand_id 
_struct_ref_seq.seq_align_beg 
_struct_ref_seq.pdbx_seq_align_beg_ins_code 
_struct_ref_seq.seq_align_end 
_struct_ref_seq.pdbx_seq_align_end_ins_code 
_struct_ref_seq.pdbx_db_accession 
_struct_ref_seq.db_align_beg 
_struct_ref_seq.pdbx_db_align_beg_ins_code 
_struct_ref_seq.db_align_end 
_struct_ref_seq.pdbx_db_align_end_ins_code 
_struct_ref_seq.pdbx_auth_seq_align_beg 
_struct_ref_seq.pdbx_auth_seq_align_end 
1 1 289D A 1 ? 12 ? 289D 1  ? 12 ? 1  12 
2 1 289D B 1 ? 12 ? 289D 13 ? 24 ? 13 24 
# 
_pdbx_struct_assembly.id                   1 
_pdbx_struct_assembly.details              author_defined_assembly 
_pdbx_struct_assembly.method_details       ? 
_pdbx_struct_assembly.oligomeric_details   dimeric 
_pdbx_struct_assembly.oligomeric_count     2 
# 
_pdbx_struct_assembly_gen.assembly_id       1 
_pdbx_struct_assembly_gen.oper_expression   1 
_pdbx_struct_assembly_gen.asym_id_list      A,B,C,D,E 
# 
_pdbx_struct_oper_list.id                   1 
_pdbx_struct_oper_list.type                 'identity operation' 
_pdbx_struct_oper_list.name                 1_555 
_pdbx_struct_oper_list.symmetry_operation   x,y,z 
_pdbx_struct_oper_list.matrix[1][1]         1.0000000000 
_pdbx_struct_oper_list.matrix[1][2]         0.0000000000 
_pdbx_struct_oper_list.matrix[1][3]         0.0000000000 
_pdbx_struct_oper_list.vector[1]            0.0000000000 
_pdbx_struct_oper_list.matrix[2][1]         0.0000000000 
_pdbx_struct_oper_list.matrix[2][2]         1.0000000000 
_pdbx_struct_oper_list.matrix[2][3]         0.0000000000 
_pdbx_struct_oper_list.vector[2]            0.0000000000 
_pdbx_struct_oper_list.matrix[3][1]         0.0000000000 
_pdbx_struct_oper_list.matrix[3][2]         0.0000000000 
_pdbx_struct_oper_list.matrix[3][3]         1.0000000000 
_pdbx_struct_oper_list.vector[3]            0.0000000000 
# 
_struct_biol.id   1 
# 
loop_
_struct_conn.id 
_struct_conn.conn_type_id 
_struct_conn.pdbx_leaving_atom_flag 
_struct_conn.pdbx_PDB_id 
_struct_conn.ptnr1_label_asym_id 
_struct_conn.ptnr1_label_comp_id 
_struct_conn.ptnr1_label_seq_id 
_struct_conn.ptnr1_label_atom_id 
_struct_conn.pdbx_ptnr1_label_alt_id 
_struct_conn.pdbx_ptnr1_PDB_ins_code 
_struct_conn.pdbx_ptnr1_standard_comp_id 
_struct_conn.ptnr1_symmetry 
_struct_conn.ptnr2_label_asym_id 
_struct_conn.ptnr2_label_comp_id 
_struct_conn.ptnr2_label_seq_id 
_struct_conn.ptnr2_label_atom_id 
_struct_conn.pdbx_ptnr2_label_alt_id 
_struct_conn.pdbx_ptnr2_PDB_ins_code 
_struct_conn.ptnr1_auth_asym_id 
_struct_conn.ptnr1_auth_comp_id 
_struct_conn.ptnr1_auth_seq_id 
_struct_conn.ptnr2_auth_asym_id 
_struct_conn.ptnr2_auth_comp_id 
_struct_conn.ptnr2_auth_seq_id 
_struct_conn.ptnr2_symmetry 
_struct_conn.pdbx_ptnr3_label_atom_id 
_struct_conn.pdbx_ptnr3_label_seq_id 
_struct_conn.pdbx_ptnr3_label_comp_id 
_struct_conn.pdbx_ptnr3_label_asym_id 
_struct_conn.pdbx_ptnr3_label_alt_id 
_struct_conn.pdbx_ptnr3_PDB_ins_code 
_struct_conn.details 
_struct_conn.pdbx_dist_value 
_struct_conn.pdbx_value_order 
_struct_conn.pdbx_role 
hydrog1  hydrog ? ? A DC 1  N3 ? ? ? 1_555 B DG 12 N1 ? ? A DC 1  B DG 24 1_555 ? ? ? ? ? ? WATSON-CRICK ? ? ? 
hydrog2  hydrog ? ? A DC 1  N4 ? ? ? 1_555 B DG 12 O6 ? ? A DC 1  B DG 24 1_555 ? ? ? ? ? ? WATSON-CRICK ? ? ? 
hydrog3  hydrog ? ? A DC 1  O2 ? ? ? 1_555 B DG 12 N2 ? ? A DC 1  B DG 24 1_555 ? ? ? ? ? ? WATSON-CRICK ? ? ? 
hydrog4  hydrog ? ? A DG 2  N1 ? ? ? 1_555 B DC 11 N3 ? ? A DG 2  B DC 23 1_555 ? ? ? ? ? ? WATSON-CRICK ? ? ? 
hydrog5  hydrog ? ? A DG 2  N2 ? ? ? 1_555 B DC 11 O2 ? ? A DG 2  B DC 23 1_555 ? ? ? ? ? ? WATSON-CRICK ? ? ? 
hydrog6  hydrog ? ? A DG 2  O6 ? ? ? 1_555 B DC 11 N4 ? ? A DG 2  B DC 23 1_555 ? ? ? ? ? ? WATSON-CRICK ? ? ? 
hydrog7  hydrog ? ? A DC 3  N3 ? ? ? 1_555 B DG 10 N1 ? ? A DC 3  B DG 22 1_555 ? ? ? ? ? ? WATSON-CRICK ? ? ? 
hydrog8  hydrog ? ? A DC 3  N4 ? ? ? 1_555 B DG 10 O6 ? ? A DC 3  B DG 22 1_555 ? ? ? ? ? ? WATSON-CRICK ? ? ? 
hydrog9  hydrog ? ? A DC 3  O2 ? ? ? 1_555 B DG 10 N2 ? ? A DC 3  B DG 22 1_555 ? ? ? ? ? ? WATSON-CRICK ? ? ? 
hydrog10 hydrog ? ? A DG 4  N1 ? ? ? 1_555 B DC 9  N3 ? ? A DG 4  B DC 21 1_555 ? ? ? ? ? ? WATSON-CRICK ? ? ? 
hydrog11 hydrog ? ? A DG 4  N2 ? ? ? 1_555 B DC 9  O2 ? ? A DG 4  B DC 21 1_555 ? ? ? ? ? ? WATSON-CRICK ? ? ? 
hydrog12 hydrog ? ? A DG 4  O6 ? ? ? 1_555 B DC 9  N4 ? ? A DG 4  B DC 21 1_555 ? ? ? ? ? ? WATSON-CRICK ? ? ? 
hydrog13 hydrog ? ? A DA 5  N1 ? ? ? 1_555 B DT 8  N3 ? ? A DA 5  B DT 20 1_555 ? ? ? ? ? ? WATSON-CRICK ? ? ? 
hydrog14 hydrog ? ? A DA 5  N6 ? ? ? 1_555 B DT 8  O4 ? ? A DA 5  B DT 20 1_555 ? ? ? ? ? ? WATSON-CRICK ? ? ? 
hydrog15 hydrog ? ? A DA 6  N1 ? ? ? 1_555 B DT 7  N3 ? ? A DA 6  B DT 19 1_555 ? ? ? ? ? ? WATSON-CRICK ? ? ? 
hydrog16 hydrog ? ? A DA 6  N6 ? ? ? 1_555 B DT 7  O4 ? ? A DA 6  B DT 19 1_555 ? ? ? ? ? ? WATSON-CRICK ? ? ? 
hydrog17 hydrog ? ? A DT 7  N3 ? ? ? 1_555 B DA 6  N1 ? ? A DT 7  B DA 18 1_555 ? ? ? ? ? ? WATSON-CRICK ? ? ? 
hydrog18 hydrog ? ? A DT 7  O4 ? ? ? 1_555 B DA 6  N6 ? ? A DT 7  B DA 18 1_555 ? ? ? ? ? ? WATSON-CRICK ? ? ? 
hydrog19 hydrog ? ? A DT 8  N3 ? ? ? 1_555 B DA 5  N1 ? ? A DT 8  B DA 17 1_555 ? ? ? ? ? ? WATSON-CRICK ? ? ? 
hydrog20 hydrog ? ? A DT 8  O4 ? ? ? 1_555 B DA 5  N6 ? ? A DT 8  B DA 17 1_555 ? ? ? ? ? ? WATSON-CRICK ? ? ? 
hydrog21 hydrog ? ? A DC 9  N3 ? ? ? 1_555 B DG 4  N1 ? ? A DC 9  B DG 16 1_555 ? ? ? ? ? ? WATSON-CRICK ? ? ? 
hydrog22 hydrog ? ? A DC 9  N4 ? ? ? 1_555 B DG 4  O6 ? ? A DC 9  B DG 16 1_555 ? ? ? ? ? ? WATSON-CRICK ? ? ? 
hydrog23 hydrog ? ? A DC 9  O2 ? ? ? 1_555 B DG 4  N2 ? ? A DC 9  B DG 16 1_555 ? ? ? ? ? ? WATSON-CRICK ? ? ? 
hydrog24 hydrog ? ? A DG 10 N1 ? ? ? 1_555 B DC 3  N3 ? ? A DG 10 B DC 15 1_555 ? ? ? ? ? ? WATSON-CRICK ? ? ? 
hydrog25 hydrog ? ? A DG 10 N2 ? ? ? 1_555 B DC 3  O2 ? ? A DG 10 B DC 15 1_555 ? ? ? ? ? ? WATSON-CRICK ? ? ? 
hydrog26 hydrog ? ? A DG 10 O6 ? ? ? 1_555 B DC 3  N4 ? ? A DG 10 B DC 15 1_555 ? ? ? ? ? ? WATSON-CRICK ? ? ? 
hydrog27 hydrog ? ? A DC 11 N3 ? ? ? 1_555 B DG 2  N1 ? ? A DC 11 B DG 14 1_555 ? ? ? ? ? ? WATSON-CRICK ? ? ? 
hydrog28 hydrog ? ? A DC 11 N4 ? ? ? 1_555 B DG 2  O6 ? ? A DC 11 B DG 14 1_555 ? ? ? ? ? ? WATSON-CRICK ? ? ? 
hydrog29 hydrog ? ? A DC 11 O2 ? ? ? 1_555 B DG 2  N2 ? ? A DC 11 B DG 14 1_555 ? ? ? ? ? ? WATSON-CRICK ? ? ? 
hydrog30 hydrog ? ? A DG 12 N1 ? ? ? 1_555 B DC 1  N3 ? ? A DG 12 B DC 13 1_555 ? ? ? ? ? ? WATSON-CRICK ? ? ? 
hydrog31 hydrog ? ? A DG 12 N2 ? ? ? 1_555 B DC 1  O2 ? ? A DG 12 B DC 13 1_555 ? ? ? ? ? ? WATSON-CRICK ? ? ? 
hydrog32 hydrog ? ? A DG 12 O6 ? ? ? 1_555 B DC 1  N4 ? ? A DG 12 B DC 13 1_555 ? ? ? ? ? ? WATSON-CRICK ? ? ? 
# 
_struct_conn_type.id          hydrog 
_struct_conn_type.criteria    ? 
_struct_conn_type.reference   ? 
# 
loop_
_struct_site.id 
_struct_site.pdbx_evidence_code 
_struct_site.pdbx_auth_asym_id 
_struct_site.pdbx_auth_comp_id 
_struct_site.pdbx_auth_seq_id 
_struct_site.pdbx_auth_ins_code 
_struct_site.pdbx_num_residues 
_struct_site.details 
AC1                 Software A D19 25 ? 12 'BINDING SITE FOR RESIDUE D19 A 25' 
'DRUG BINDING SITE' ?        ? ?   ?  ? ?  ?                                   
# 
loop_
_struct_site_gen.id 
_struct_site_gen.site_id 
_struct_site_gen.pdbx_num_res 
_struct_site_gen.label_comp_id 
_struct_site_gen.label_asym_id 
_struct_site_gen.label_seq_id 
_struct_site_gen.pdbx_auth_ins_code 
_struct_site_gen.auth_comp_id 
_struct_site_gen.auth_asym_id 
_struct_site_gen.auth_seq_id 
_struct_site_gen.label_atom_id 
_struct_site_gen.label_alt_id 
_struct_site_gen.symmetry 
_struct_site_gen.details 
1  AC1 12 DA  A 5 ? DA  A 5  . ? 1_555 ? 
2  AC1 12 DA  A 6 ? DA  A 6  . ? 1_555 ? 
3  AC1 12 DT  A 7 ? DT  A 7  . ? 1_555 ? 
4  AC1 12 DT  A 8 ? DT  A 8  . ? 1_555 ? 
5  AC1 12 DC  A 9 ? DC  A 9  . ? 1_555 ? 
6  AC1 12 HOH D . ? HOH A 28 . ? 1_555 ? 
7  AC1 12 HOH D . ? HOH A 29 . ? 1_555 ? 
8  AC1 12 DA  B 5 ? DA  B 17 . ? 1_555 ? 
9  AC1 12 DA  B 6 ? DA  B 18 . ? 1_555 ? 
10 AC1 12 DT  B 7 ? DT  B 19 . ? 1_555 ? 
11 AC1 12 DT  B 8 ? DT  B 20 . ? 1_555 ? 
12 AC1 12 DC  B 9 ? DC  B 21 . ? 1_555 ? 
# 
loop_
_pdbx_validate_chiral.id 
_pdbx_validate_chiral.PDB_model_num 
_pdbx_validate_chiral.auth_atom_id 
_pdbx_validate_chiral.label_alt_id 
_pdbx_validate_chiral.auth_asym_id 
_pdbx_validate_chiral.auth_comp_id 
_pdbx_validate_chiral.auth_seq_id 
_pdbx_validate_chiral.PDB_ins_code 
_pdbx_validate_chiral.details 
_pdbx_validate_chiral.omega 
1 1 C7    ? A D19 25 ? PLANAR . 
2 1 "C7'" ? A D19 25 ? PLANAR . 
# 
_struct_site_keywords.site_id   'DRUG BINDING SITE' 
_struct_site_keywords.text      'MINOR GROOVE BINDER' 
# 
loop_
_refine_B_iso.class 
_refine_B_iso.details 
_refine_B_iso.treatment 
_refine_B_iso.pdbx_refine_id 
'ALL ATOMS'  TR isotropic 'X-RAY DIFFRACTION' 
'ALL WATERS' TR isotropic 'X-RAY DIFFRACTION' 
# 
loop_
_refine_occupancy.class 
_refine_occupancy.treatment 
_refine_occupancy.pdbx_refine_id 
'ALL ATOMS'  fix 'X-RAY DIFFRACTION' 
'ALL WATERS' fix 'X-RAY DIFFRACTION' 
# 
loop_
_chem_comp_atom.comp_id 
_chem_comp_atom.atom_id 
_chem_comp_atom.type_symbol 
_chem_comp_atom.pdbx_aromatic_flag 
_chem_comp_atom.pdbx_stereo_config 
_chem_comp_atom.pdbx_ordinal 
D19 C10    C N N 1   
D19 C9     C N N 2   
D19 C8     C N N 3   
D19 N2     N N N 4   
D19 C7     C N S 5   
D19 N1     N N N 6   
D19 C1     C Y N 7   
D19 C2     C Y N 8   
D19 C3     C Y N 9   
D19 C4     C Y N 10  
D19 C5     C Y N 11  
D19 C6     C Y N 12  
D19 CA     C Y N 13  
D19 CB     C Y N 14  
D19 "CB'"  C Y N 15  
D19 "CA'"  C Y N 16  
D19 O1     O Y N 17  
D19 "C1'"  C Y N 18  
D19 "C2'"  C Y N 19  
D19 "C3'"  C Y N 20  
D19 "C4'"  C Y N 21  
D19 "C5'"  C Y N 22  
D19 "C6'"  C Y N 23  
D19 "C7'"  C N R 24  
D19 "N1'"  N N N 25  
D19 "N2'"  N N N 26  
D19 "C8'"  C N N 27  
D19 "C9'"  C N N 28  
D19 CAX    C N N 29  
D19 H101   H N N 30  
D19 H102   H N N 31  
D19 H91    H N N 32  
D19 H92    H N N 33  
D19 H8     H N N 34  
D19 HN2    H N N 35  
D19 H7     H N N 36  
D19 HN11   H N N 37  
D19 HN12   H N N 38  
D19 H2     H N N 39  
D19 H3     H N N 40  
D19 H5     H N N 41  
D19 H6     H N N 42  
D19 HB     H N N 43  
D19 "HB'"  H N N 44  
D19 "H2'"  H N N 45  
D19 "H3'"  H N N 46  
D19 "H5'"  H N N 47  
D19 "H6'"  H N N 48  
D19 "H7'"  H N N 49  
D19 "HN'1" H N N 50  
D19 "HN'2" H N N 51  
D19 "HN2'" H N N 52  
D19 "H8'"  H N N 53  
D19 "H9'1" H N N 54  
D19 "H9'2" H N N 55  
D19 "H1'1" H N N 56  
D19 "H1'2" H N N 57  
DA  OP3    O N N 58  
DA  P      P N N 59  
DA  OP1    O N N 60  
DA  OP2    O N N 61  
DA  "O5'"  O N N 62  
DA  "C5'"  C N N 63  
DA  "C4'"  C N R 64  
DA  "O4'"  O N N 65  
DA  "C3'"  C N S 66  
DA  "O3'"  O N N 67  
DA  "C2'"  C N N 68  
DA  "C1'"  C N R 69  
DA  N9     N Y N 70  
DA  C8     C Y N 71  
DA  N7     N Y N 72  
DA  C5     C Y N 73  
DA  C6     C Y N 74  
DA  N6     N N N 75  
DA  N1     N Y N 76  
DA  C2     C Y N 77  
DA  N3     N Y N 78  
DA  C4     C Y N 79  
DA  HOP3   H N N 80  
DA  HOP2   H N N 81  
DA  "H5'"  H N N 82  
DA  "H5''" H N N 83  
DA  "H4'"  H N N 84  
DA  "H3'"  H N N 85  
DA  "HO3'" H N N 86  
DA  "H2'"  H N N 87  
DA  "H2''" H N N 88  
DA  "H1'"  H N N 89  
DA  H8     H N N 90  
DA  H61    H N N 91  
DA  H62    H N N 92  
DA  H2     H N N 93  
DC  OP3    O N N 94  
DC  P      P N N 95  
DC  OP1    O N N 96  
DC  OP2    O N N 97  
DC  "O5'"  O N N 98  
DC  "C5'"  C N N 99  
DC  "C4'"  C N R 100 
DC  "O4'"  O N N 101 
DC  "C3'"  C N S 102 
DC  "O3'"  O N N 103 
DC  "C2'"  C N N 104 
DC  "C1'"  C N R 105 
DC  N1     N N N 106 
DC  C2     C N N 107 
DC  O2     O N N 108 
DC  N3     N N N 109 
DC  C4     C N N 110 
DC  N4     N N N 111 
DC  C5     C N N 112 
DC  C6     C N N 113 
DC  HOP3   H N N 114 
DC  HOP2   H N N 115 
DC  "H5'"  H N N 116 
DC  "H5''" H N N 117 
DC  "H4'"  H N N 118 
DC  "H3'"  H N N 119 
DC  "HO3'" H N N 120 
DC  "H2'"  H N N 121 
DC  "H2''" H N N 122 
DC  "H1'"  H N N 123 
DC  H41    H N N 124 
DC  H42    H N N 125 
DC  H5     H N N 126 
DC  H6     H N N 127 
DG  OP3    O N N 128 
DG  P      P N N 129 
DG  OP1    O N N 130 
DG  OP2    O N N 131 
DG  "O5'"  O N N 132 
DG  "C5'"  C N N 133 
DG  "C4'"  C N R 134 
DG  "O4'"  O N N 135 
DG  "C3'"  C N S 136 
DG  "O3'"  O N N 137 
DG  "C2'"  C N N 138 
DG  "C1'"  C N R 139 
DG  N9     N Y N 140 
DG  C8     C Y N 141 
DG  N7     N Y N 142 
DG  C5     C Y N 143 
DG  C6     C N N 144 
DG  O6     O N N 145 
DG  N1     N N N 146 
DG  C2     C N N 147 
DG  N2     N N N 148 
DG  N3     N N N 149 
DG  C4     C Y N 150 
DG  HOP3   H N N 151 
DG  HOP2   H N N 152 
DG  "H5'"  H N N 153 
DG  "H5''" H N N 154 
DG  "H4'"  H N N 155 
DG  "H3'"  H N N 156 
DG  "HO3'" H N N 157 
DG  "H2'"  H N N 158 
DG  "H2''" H N N 159 
DG  "H1'"  H N N 160 
DG  H8     H N N 161 
DG  H1     H N N 162 
DG  H21    H N N 163 
DG  H22    H N N 164 
DT  OP3    O N N 165 
DT  P      P N N 166 
DT  OP1    O N N 167 
DT  OP2    O N N 168 
DT  "O5'"  O N N 169 
DT  "C5'"  C N N 170 
DT  "C4'"  C N R 171 
DT  "O4'"  O N N 172 
DT  "C3'"  C N S 173 
DT  "O3'"  O N N 174 
DT  "C2'"  C N N 175 
DT  "C1'"  C N R 176 
DT  N1     N N N 177 
DT  C2     C N N 178 
DT  O2     O N N 179 
DT  N3     N N N 180 
DT  C4     C N N 181 
DT  O4     O N N 182 
DT  C5     C N N 183 
DT  C7     C N N 184 
DT  C6     C N N 185 
DT  HOP3   H N N 186 
DT  HOP2   H N N 187 
DT  "H5'"  H N N 188 
DT  "H5''" H N N 189 
DT  "H4'"  H N N 190 
DT  "H3'"  H N N 191 
DT  "HO3'" H N N 192 
DT  "H2'"  H N N 193 
DT  "H2''" H N N 194 
DT  "H1'"  H N N 195 
DT  H3     H N N 196 
DT  H71    H N N 197 
DT  H72    H N N 198 
DT  H73    H N N 199 
DT  H6     H N N 200 
HOH O      O N N 201 
HOH H1     H N N 202 
HOH H2     H N N 203 
# 
loop_
_chem_comp_bond.comp_id 
_chem_comp_bond.atom_id_1 
_chem_comp_bond.atom_id_2 
_chem_comp_bond.value_order 
_chem_comp_bond.pdbx_aromatic_flag 
_chem_comp_bond.pdbx_stereo_config 
_chem_comp_bond.pdbx_ordinal 
D19 C10   C9     sing N N 1   
D19 C10   C8     sing N N 2   
D19 C10   H101   sing N N 3   
D19 C10   H102   sing N N 4   
D19 C9    C8     sing N N 5   
D19 C9    H91    sing N N 6   
D19 C9    H92    sing N N 7   
D19 C8    N2     sing N N 8   
D19 C8    H8     sing N N 9   
D19 N2    C7     sing N N 10  
D19 N2    HN2    sing N N 11  
D19 C7    N1     sing N N 12  
D19 C7    C4     sing N N 13  
D19 C7    H7     sing N N 14  
D19 N1    HN11   sing N N 15  
D19 N1    HN12   sing N N 16  
D19 C1    C2     sing Y N 17  
D19 C1    C6     doub Y N 18  
D19 C1    CA     sing Y N 19  
D19 C2    C3     doub Y N 20  
D19 C2    H2     sing N N 21  
D19 C3    C4     sing Y N 22  
D19 C3    H3     sing N N 23  
D19 C4    C5     doub Y N 24  
D19 C5    C6     sing Y N 25  
D19 C5    H5     sing N N 26  
D19 C6    H6     sing N N 27  
D19 CA    CB     doub Y N 28  
D19 CA    O1     sing Y N 29  
D19 CB    "CB'"  sing Y N 30  
D19 CB    HB     sing N N 31  
D19 "CB'" "CA'"  doub Y N 32  
D19 "CB'" "HB'"  sing N N 33  
D19 "CA'" O1     sing Y N 34  
D19 "CA'" "C1'"  sing Y N 35  
D19 "C1'" "C2'"  sing Y N 36  
D19 "C1'" "C6'"  doub Y N 37  
D19 "C2'" "C3'"  doub Y N 38  
D19 "C2'" "H2'"  sing N N 39  
D19 "C3'" "C4'"  sing Y N 40  
D19 "C3'" "H3'"  sing N N 41  
D19 "C4'" "C5'"  doub Y N 42  
D19 "C4'" "C7'"  sing N N 43  
D19 "C5'" "C6'"  sing Y N 44  
D19 "C5'" "H5'"  sing N N 45  
D19 "C6'" "H6'"  sing N N 46  
D19 "C7'" "N1'"  sing N N 47  
D19 "C7'" "N2'"  sing N N 48  
D19 "C7'" "H7'"  sing N N 49  
D19 "N1'" "HN'1" sing N N 50  
D19 "N1'" "HN'2" sing N N 51  
D19 "N2'" "C8'"  sing N N 52  
D19 "N2'" "HN2'" sing N N 53  
D19 "C8'" "C9'"  sing N N 54  
D19 "C8'" CAX    sing N N 55  
D19 "C8'" "H8'"  sing N N 56  
D19 "C9'" CAX    sing N N 57  
D19 "C9'" "H9'1" sing N N 58  
D19 "C9'" "H9'2" sing N N 59  
D19 CAX   "H1'1" sing N N 60  
D19 CAX   "H1'2" sing N N 61  
DA  OP3   P      sing N N 62  
DA  OP3   HOP3   sing N N 63  
DA  P     OP1    doub N N 64  
DA  P     OP2    sing N N 65  
DA  P     "O5'"  sing N N 66  
DA  OP2   HOP2   sing N N 67  
DA  "O5'" "C5'"  sing N N 68  
DA  "C5'" "C4'"  sing N N 69  
DA  "C5'" "H5'"  sing N N 70  
DA  "C5'" "H5''" sing N N 71  
DA  "C4'" "O4'"  sing N N 72  
DA  "C4'" "C3'"  sing N N 73  
DA  "C4'" "H4'"  sing N N 74  
DA  "O4'" "C1'"  sing N N 75  
DA  "C3'" "O3'"  sing N N 76  
DA  "C3'" "C2'"  sing N N 77  
DA  "C3'" "H3'"  sing N N 78  
DA  "O3'" "HO3'" sing N N 79  
DA  "C2'" "C1'"  sing N N 80  
DA  "C2'" "H2'"  sing N N 81  
DA  "C2'" "H2''" sing N N 82  
DA  "C1'" N9     sing N N 83  
DA  "C1'" "H1'"  sing N N 84  
DA  N9    C8     sing Y N 85  
DA  N9    C4     sing Y N 86  
DA  C8    N7     doub Y N 87  
DA  C8    H8     sing N N 88  
DA  N7    C5     sing Y N 89  
DA  C5    C6     sing Y N 90  
DA  C5    C4     doub Y N 91  
DA  C6    N6     sing N N 92  
DA  C6    N1     doub Y N 93  
DA  N6    H61    sing N N 94  
DA  N6    H62    sing N N 95  
DA  N1    C2     sing Y N 96  
DA  C2    N3     doub Y N 97  
DA  C2    H2     sing N N 98  
DA  N3    C4     sing Y N 99  
DC  OP3   P      sing N N 100 
DC  OP3   HOP3   sing N N 101 
DC  P     OP1    doub N N 102 
DC  P     OP2    sing N N 103 
DC  P     "O5'"  sing N N 104 
DC  OP2   HOP2   sing N N 105 
DC  "O5'" "C5'"  sing N N 106 
DC  "C5'" "C4'"  sing N N 107 
DC  "C5'" "H5'"  sing N N 108 
DC  "C5'" "H5''" sing N N 109 
DC  "C4'" "O4'"  sing N N 110 
DC  "C4'" "C3'"  sing N N 111 
DC  "C4'" "H4'"  sing N N 112 
DC  "O4'" "C1'"  sing N N 113 
DC  "C3'" "O3'"  sing N N 114 
DC  "C3'" "C2'"  sing N N 115 
DC  "C3'" "H3'"  sing N N 116 
DC  "O3'" "HO3'" sing N N 117 
DC  "C2'" "C1'"  sing N N 118 
DC  "C2'" "H2'"  sing N N 119 
DC  "C2'" "H2''" sing N N 120 
DC  "C1'" N1     sing N N 121 
DC  "C1'" "H1'"  sing N N 122 
DC  N1    C2     sing N N 123 
DC  N1    C6     sing N N 124 
DC  C2    O2     doub N N 125 
DC  C2    N3     sing N N 126 
DC  N3    C4     doub N N 127 
DC  C4    N4     sing N N 128 
DC  C4    C5     sing N N 129 
DC  N4    H41    sing N N 130 
DC  N4    H42    sing N N 131 
DC  C5    C6     doub N N 132 
DC  C5    H5     sing N N 133 
DC  C6    H6     sing N N 134 
DG  OP3   P      sing N N 135 
DG  OP3   HOP3   sing N N 136 
DG  P     OP1    doub N N 137 
DG  P     OP2    sing N N 138 
DG  P     "O5'"  sing N N 139 
DG  OP2   HOP2   sing N N 140 
DG  "O5'" "C5'"  sing N N 141 
DG  "C5'" "C4'"  sing N N 142 
DG  "C5'" "H5'"  sing N N 143 
DG  "C5'" "H5''" sing N N 144 
DG  "C4'" "O4'"  sing N N 145 
DG  "C4'" "C3'"  sing N N 146 
DG  "C4'" "H4'"  sing N N 147 
DG  "O4'" "C1'"  sing N N 148 
DG  "C3'" "O3'"  sing N N 149 
DG  "C3'" "C2'"  sing N N 150 
DG  "C3'" "H3'"  sing N N 151 
DG  "O3'" "HO3'" sing N N 152 
DG  "C2'" "C1'"  sing N N 153 
DG  "C2'" "H2'"  sing N N 154 
DG  "C2'" "H2''" sing N N 155 
DG  "C1'" N9     sing N N 156 
DG  "C1'" "H1'"  sing N N 157 
DG  N9    C8     sing Y N 158 
DG  N9    C4     sing Y N 159 
DG  C8    N7     doub Y N 160 
DG  C8    H8     sing N N 161 
DG  N7    C5     sing Y N 162 
DG  C5    C6     sing N N 163 
DG  C5    C4     doub Y N 164 
DG  C6    O6     doub N N 165 
DG  C6    N1     sing N N 166 
DG  N1    C2     sing N N 167 
DG  N1    H1     sing N N 168 
DG  C2    N2     sing N N 169 
DG  C2    N3     doub N N 170 
DG  N2    H21    sing N N 171 
DG  N2    H22    sing N N 172 
DG  N3    C4     sing N N 173 
DT  OP3   P      sing N N 174 
DT  OP3   HOP3   sing N N 175 
DT  P     OP1    doub N N 176 
DT  P     OP2    sing N N 177 
DT  P     "O5'"  sing N N 178 
DT  OP2   HOP2   sing N N 179 
DT  "O5'" "C5'"  sing N N 180 
DT  "C5'" "C4'"  sing N N 181 
DT  "C5'" "H5'"  sing N N 182 
DT  "C5'" "H5''" sing N N 183 
DT  "C4'" "O4'"  sing N N 184 
DT  "C4'" "C3'"  sing N N 185 
DT  "C4'" "H4'"  sing N N 186 
DT  "O4'" "C1'"  sing N N 187 
DT  "C3'" "O3'"  sing N N 188 
DT  "C3'" "C2'"  sing N N 189 
DT  "C3'" "H3'"  sing N N 190 
DT  "O3'" "HO3'" sing N N 191 
DT  "C2'" "C1'"  sing N N 192 
DT  "C2'" "H2'"  sing N N 193 
DT  "C2'" "H2''" sing N N 194 
DT  "C1'" N1     sing N N 195 
DT  "C1'" "H1'"  sing N N 196 
DT  N1    C2     sing N N 197 
DT  N1    C6     sing N N 198 
DT  C2    O2     doub N N 199 
DT  C2    N3     sing N N 200 
DT  N3    C4     sing N N 201 
DT  N3    H3     sing N N 202 
DT  C4    O4     doub N N 203 
DT  C4    C5     sing N N 204 
DT  C5    C7     sing N N 205 
DT  C5    C6     doub N N 206 
DT  C7    H71    sing N N 207 
DT  C7    H72    sing N N 208 
DT  C7    H73    sing N N 209 
DT  C6    H6     sing N N 210 
HOH O     H1     sing N N 211 
HOH O     H2     sing N N 212 
# 
_ndb_struct_conf_na.entry_id   289D 
_ndb_struct_conf_na.feature    'b-form double helix' 
# 
loop_
_ndb_struct_na_base_pair.model_number 
_ndb_struct_na_base_pair.i_label_asym_id 
_ndb_struct_na_base_pair.i_label_comp_id 
_ndb_struct_na_base_pair.i_label_seq_id 
_ndb_struct_na_base_pair.i_symmetry 
_ndb_struct_na_base_pair.j_label_asym_id 
_ndb_struct_na_base_pair.j_label_comp_id 
_ndb_struct_na_base_pair.j_label_seq_id 
_ndb_struct_na_base_pair.j_symmetry 
_ndb_struct_na_base_pair.shear 
_ndb_struct_na_base_pair.stretch 
_ndb_struct_na_base_pair.stagger 
_ndb_struct_na_base_pair.buckle 
_ndb_struct_na_base_pair.propeller 
_ndb_struct_na_base_pair.opening 
_ndb_struct_na_base_pair.pair_number 
_ndb_struct_na_base_pair.pair_name 
_ndb_struct_na_base_pair.i_auth_asym_id 
_ndb_struct_na_base_pair.i_auth_seq_id 
_ndb_struct_na_base_pair.i_PDB_ins_code 
_ndb_struct_na_base_pair.j_auth_asym_id 
_ndb_struct_na_base_pair.j_auth_seq_id 
_ndb_struct_na_base_pair.j_PDB_ins_code 
_ndb_struct_na_base_pair.hbond_type_28 
_ndb_struct_na_base_pair.hbond_type_12 
1 A DC 1  1_555 B DG 12 1_555 -0.263 0.004  -0.271 5.904  -7.218  -1.113 1  A_DC1:DG24_B  A 1  ? B 24 ? 19 1 
1 A DG 2  1_555 B DC 11 1_555 -0.438 -0.428 -0.011 -5.530 -7.382  1.599  2  A_DG2:DC23_B  A 2  ? B 23 ? 19 1 
1 A DC 3  1_555 B DG 10 1_555 -0.388 -0.494 0.015  -5.263 -10.124 0.208  3  A_DC3:DG22_B  A 3  ? B 22 ? 19 1 
1 A DG 4  1_555 B DC 9  1_555 -0.361 -0.511 -0.177 4.564  -14.528 -1.661 4  A_DG4:DC21_B  A 4  ? B 21 ? 19 1 
1 A DA 5  1_555 B DT 8  1_555 -0.112 -0.270 0.385  9.240  -14.169 -0.365 5  A_DA5:DT20_B  A 5  ? B 20 ? 20 1 
1 A DA 6  1_555 B DT 7  1_555 0.097  -0.006 0.008  4.845  -24.459 7.951  6  A_DA6:DT19_B  A 6  ? B 19 ? 20 1 
1 A DT 7  1_555 B DA 6  1_555 0.264  -0.055 0.124  -0.789 -17.230 6.313  7  A_DT7:DA18_B  A 7  ? B 18 ? 20 1 
1 A DT 8  1_555 B DA 5  1_555 -0.270 -0.163 -0.072 -3.392 -15.671 2.106  8  A_DT8:DA17_B  A 8  ? B 17 ? 20 1 
1 A DC 9  1_555 B DG 4  1_555 -0.134 -0.192 -0.085 -5.908 -12.732 -5.407 9  A_DC9:DG16_B  A 9  ? B 16 ? 19 1 
1 A DG 10 1_555 B DC 3  1_555 0.171  -0.261 0.049  1.455  -5.070  5.497  10 A_DG10:DC15_B A 10 ? B 15 ? 19 1 
1 A DC 11 1_555 B DG 2  1_555 -0.114 -0.239 0.306  -0.091 -15.822 -1.187 11 A_DC11:DG14_B A 11 ? B 14 ? 19 1 
1 A DG 12 1_555 B DC 1  1_555 -0.168 -0.144 0.580  14.174 4.183   -9.457 12 A_DG12:DC13_B A 12 ? B 13 ? 19 1 
# 
loop_
_ndb_struct_na_base_pair_step.model_number 
_ndb_struct_na_base_pair_step.i_label_asym_id_1 
_ndb_struct_na_base_pair_step.i_label_comp_id_1 
_ndb_struct_na_base_pair_step.i_label_seq_id_1 
_ndb_struct_na_base_pair_step.i_symmetry_1 
_ndb_struct_na_base_pair_step.j_label_asym_id_1 
_ndb_struct_na_base_pair_step.j_label_comp_id_1 
_ndb_struct_na_base_pair_step.j_label_seq_id_1 
_ndb_struct_na_base_pair_step.j_symmetry_1 
_ndb_struct_na_base_pair_step.i_label_asym_id_2 
_ndb_struct_na_base_pair_step.i_label_comp_id_2 
_ndb_struct_na_base_pair_step.i_label_seq_id_2 
_ndb_struct_na_base_pair_step.i_symmetry_2 
_ndb_struct_na_base_pair_step.j_label_asym_id_2 
_ndb_struct_na_base_pair_step.j_label_comp_id_2 
_ndb_struct_na_base_pair_step.j_label_seq_id_2 
_ndb_struct_na_base_pair_step.j_symmetry_2 
_ndb_struct_na_base_pair_step.shift 
_ndb_struct_na_base_pair_step.slide 
_ndb_struct_na_base_pair_step.rise 
_ndb_struct_na_base_pair_step.tilt 
_ndb_struct_na_base_pair_step.roll 
_ndb_struct_na_base_pair_step.twist 
_ndb_struct_na_base_pair_step.x_displacement 
_ndb_struct_na_base_pair_step.y_displacement 
_ndb_struct_na_base_pair_step.helical_rise 
_ndb_struct_na_base_pair_step.inclination 
_ndb_struct_na_base_pair_step.tip 
_ndb_struct_na_base_pair_step.helical_twist 
_ndb_struct_na_base_pair_step.step_number 
_ndb_struct_na_base_pair_step.step_name 
_ndb_struct_na_base_pair_step.i_auth_asym_id_1 
_ndb_struct_na_base_pair_step.i_auth_seq_id_1 
_ndb_struct_na_base_pair_step.i_PDB_ins_code_1 
_ndb_struct_na_base_pair_step.j_auth_asym_id_1 
_ndb_struct_na_base_pair_step.j_auth_seq_id_1 
_ndb_struct_na_base_pair_step.j_PDB_ins_code_1 
_ndb_struct_na_base_pair_step.i_auth_asym_id_2 
_ndb_struct_na_base_pair_step.i_auth_seq_id_2 
_ndb_struct_na_base_pair_step.i_PDB_ins_code_2 
_ndb_struct_na_base_pair_step.j_auth_asym_id_2 
_ndb_struct_na_base_pair_step.j_auth_seq_id_2 
_ndb_struct_na_base_pair_step.j_PDB_ins_code_2 
1 A DC 1  1_555 B DG 12 1_555 A DG 2  1_555 B DC 11 1_555 -0.117 0.357  3.712 -1.161 6.166  34.358 -0.475 -0.006 3.720 10.331  
1.945  34.909 1  AA_DC1DG2:DC23DG24_BB   A 1  ? B 24 ? A 2  ? B 23 ? 
1 A DG 2  1_555 B DC 11 1_555 A DC 3  1_555 B DG 10 1_555 0.418  0.372  3.333 2.828  -3.257 37.075 1.019  -0.273 3.311 -5.101  
-4.429 37.317 2  AA_DG2DC3:DG22DC23_BB   A 2  ? B 23 ? A 3  ? B 22 ? 
1 A DC 3  1_555 B DG 10 1_555 A DG 4  1_555 B DC 9  1_555 -0.171 0.818  3.254 1.816  7.627  34.257 0.191  0.560  3.341 12.742  
-3.034 35.116 3  AA_DC3DG4:DC21DG22_BB   A 3  ? B 22 ? A 4  ? B 21 ? 
1 A DG 4  1_555 B DC 9  1_555 A DA 5  1_555 B DT 8  1_555 -0.068 -0.046 3.143 -4.554 4.323  35.386 -0.668 -0.515 3.101 7.044   
7.420  35.921 4  AA_DG4DA5:DT20DC21_BB   A 4  ? B 21 ? A 5  ? B 20 ? 
1 A DA 5  1_555 B DT 8  1_555 A DA 6  1_555 B DT 7  1_555 0.449  -0.325 3.426 4.348  2.272  35.588 -0.870 -0.074 3.429 3.696   
-7.073 35.914 5  AA_DA5DA6:DT19DT20_BB   A 5  ? B 20 ? A 6  ? B 19 ? 
1 A DA 6  1_555 B DT 7  1_555 A DT 7  1_555 B DA 6  1_555 -0.023 -0.558 3.468 -2.053 0.392  34.696 -0.998 -0.294 3.458 0.656   
3.439  34.757 6  AA_DA6DT7:DA18DT19_BB   A 6  ? B 19 ? A 7  ? B 18 ? 
1 A DT 7  1_555 B DA 6  1_555 A DT 8  1_555 B DA 5  1_555 -0.360 -0.256 3.272 1.691  1.483  33.677 -0.681 0.894  3.237 2.556   
-2.915 33.750 7  AA_DT7DT8:DA17DA18_BB   A 7  ? B 18 ? A 8  ? B 17 ? 
1 A DT 8  1_555 B DA 5  1_555 A DC 9  1_555 B DG 4  1_555 -0.231 -0.200 3.317 0.800  -0.620 38.367 -0.226 0.452  3.315 -0.944  
-1.218 38.380 8  AA_DT8DC9:DG16DA17_BB   A 8  ? B 17 ? A 9  ? B 16 ? 
1 A DC 9  1_555 B DG 4  1_555 A DG 10 1_555 B DC 3  1_555 0.620  0.984  3.350 -1.531 2.095  34.582 1.320  -1.282 3.372 3.518   
2.571  34.676 9  AA_DC9DG10:DC15DG16_BB  A 9  ? B 16 ? A 10 ? B 15 ? 
1 A DG 10 1_555 B DC 3  1_555 A DC 11 1_555 B DG 2  1_555 -1.090 0.548  3.573 -4.166 -9.436 37.501 2.079  1.084  3.439 -14.348 
6.335  38.844 10 AA_DG10DC11:DG14DC15_BB A 10 ? B 15 ? A 11 ? B 14 ? 
1 A DC 11 1_555 B DG 2  1_555 A DG 12 1_555 B DC 1  1_555 0.405  0.144  3.109 -0.095 -3.613 36.262 0.706  -0.660 3.080 -5.787  
0.152  36.435 11 AA_DC11DG12:DC13DG14_BB A 11 ? B 14 ? A 12 ? B 13 ? 
# 
_pdbx_initial_refinement_model.accession_code   1BNA 
_pdbx_initial_refinement_model.id               1 
_pdbx_initial_refinement_model.entity_id_list   ? 
_pdbx_initial_refinement_model.type             'experimental model' 
_pdbx_initial_refinement_model.source_name      PDB 
_pdbx_initial_refinement_model.details          BDL001 
# 
_atom_sites.entry_id                    289D 
_atom_sites.fract_transf_matrix[1][1]   -0.01616320 
_atom_sites.fract_transf_matrix[1][2]   -0.03444420 
_atom_sites.fract_transf_matrix[1][3]   -0.00993606 
_atom_sites.fract_transf_matrix[2][1]   0.00992817 
_atom_sites.fract_transf_matrix[2][2]   -0.01041285 
_atom_sites.fract_transf_matrix[2][3]   0.01994665 
_atom_sites.fract_transf_matrix[3][1]   -0.01236031 
_atom_sites.fract_transf_matrix[3][2]   0.00349860 
_atom_sites.fract_transf_matrix[3][3]   0.00797856 
_atom_sites.fract_transf_vector[1]      0.326153 
_atom_sites.fract_transf_vector[2]      0.585190 
_atom_sites.fract_transf_vector[3]      0.119570 
# 
loop_
_atom_type.symbol 
C 
N 
O 
P 
# 
loop_
_atom_site.group_PDB 
_atom_site.id 
_atom_site.type_symbol 
_atom_site.label_atom_id 
_atom_site.label_alt_id 
_atom_site.label_comp_id 
_atom_site.label_asym_id 
_atom_site.label_entity_id 
_atom_site.label_seq_id 
_atom_site.pdbx_PDB_ins_code 
_atom_site.Cartn_x 
_atom_site.Cartn_y 
_atom_site.Cartn_z 
_atom_site.occupancy 
_atom_site.B_iso_or_equiv 
_atom_site.pdbx_formal_charge 
_atom_site.auth_seq_id 
_atom_site.auth_comp_id 
_atom_site.auth_asym_id 
_atom_site.auth_atom_id 
_atom_site.pdbx_PDB_model_num 
ATOM   1   O "O5'" . DC  A 1 1  ? -13.690 -9.571  14.998  1.00 63.91 ? 1  DC  A "O5'" 1 
ATOM   2   C "C5'" . DC  A 1 1  ? -13.043 -9.967  13.786  1.00 55.03 ? 1  DC  A "C5'" 1 
ATOM   3   C "C4'" . DC  A 1 1  ? -14.072 -10.542 12.844  1.00 47.97 ? 1  DC  A "C4'" 1 
ATOM   4   O "O4'" . DC  A 1 1  ? -15.052 -9.536  12.542  1.00 43.02 ? 1  DC  A "O4'" 1 
ATOM   5   C "C3'" . DC  A 1 1  ? -13.528 -10.992 11.502  1.00 46.06 ? 1  DC  A "C3'" 1 
ATOM   6   O "O3'" . DC  A 1 1  ? -14.278 -12.124 11.082  1.00 50.71 ? 1  DC  A "O3'" 1 
ATOM   7   C "C2'" . DC  A 1 1  ? -13.755 -9.792  10.606  1.00 38.30 ? 1  DC  A "C2'" 1 
ATOM   8   C "C1'" . DC  A 1 1  ? -15.030 -9.213  11.161  1.00 39.68 ? 1  DC  A "C1'" 1 
ATOM   9   N N1    . DC  A 1 1  ? -15.130 -7.776  11.065  1.00 34.35 ? 1  DC  A N1    1 
ATOM   10  C C2    . DC  A 1 1  ? -16.204 -7.211  10.376  1.00 29.37 ? 1  DC  A C2    1 
ATOM   11  O O2    . DC  A 1 1  ? -16.987 -7.951  9.759   1.00 31.75 ? 1  DC  A O2    1 
ATOM   12  N N3    . DC  A 1 1  ? -16.360 -5.882  10.389  1.00 24.05 ? 1  DC  A N3    1 
ATOM   13  C C4    . DC  A 1 1  ? -15.479 -5.119  11.026  1.00 25.62 ? 1  DC  A C4    1 
ATOM   14  N N4    . DC  A 1 1  ? -15.680 -3.807  11.032  1.00 23.99 ? 1  DC  A N4    1 
ATOM   15  C C5    . DC  A 1 1  ? -14.349 -5.664  11.687  1.00 30.72 ? 1  DC  A C5    1 
ATOM   16  C C6    . DC  A 1 1  ? -14.213 -6.984  11.678  1.00 31.21 ? 1  DC  A C6    1 
ATOM   17  P P     . DG  A 1 2  ? -13.859 -12.899 9.745   1.00 56.10 ? 2  DG  A P     1 
ATOM   18  O OP1   . DG  A 1 2  ? -14.407 -14.277 9.809   1.00 59.36 ? 2  DG  A OP1   1 
ATOM   19  O OP2   . DG  A 1 2  ? -12.414 -12.677 9.472   1.00 56.38 ? 2  DG  A OP2   1 
ATOM   20  O "O5'" . DG  A 1 2  ? -14.623 -12.115 8.609   1.00 51.32 ? 2  DG  A "O5'" 1 
ATOM   21  C "C5'" . DG  A 1 2  ? -15.942 -12.477 8.281   1.00 43.34 ? 2  DG  A "C5'" 1 
ATOM   22  C "C4'" . DG  A 1 2  ? -16.281 -11.920 6.928   1.00 39.66 ? 2  DG  A "C4'" 1 
ATOM   23  O "O4'" . DG  A 1 2  ? -16.298 -10.481 7.033   1.00 38.09 ? 2  DG  A "O4'" 1 
ATOM   24  C "C3'" . DG  A 1 2  ? -15.255 -12.264 5.848   1.00 35.50 ? 2  DG  A "C3'" 1 
ATOM   25  O "O3'" . DG  A 1 2  ? -15.956 -12.797 4.720   1.00 42.66 ? 2  DG  A "O3'" 1 
ATOM   26  C "C2'" . DG  A 1 2  ? -14.497 -10.967 5.620   1.00 30.20 ? 2  DG  A "C2'" 1 
ATOM   27  C "C1'" . DG  A 1 2  ? -15.492 -9.905  6.031   1.00 31.07 ? 2  DG  A "C1'" 1 
ATOM   28  N N9    . DG  A 1 2  ? -14.919 -8.695  6.578   1.00 25.64 ? 2  DG  A N9    1 
ATOM   29  C C8    . DG  A 1 2  ? -13.877 -8.593  7.455   1.00 19.12 ? 2  DG  A C8    1 
ATOM   30  N N7    . DG  A 1 2  ? -13.613 -7.361  7.786   1.00 21.21 ? 2  DG  A N7    1 
ATOM   31  C C5    . DG  A 1 2  ? -14.545 -6.608  7.080   1.00 21.62 ? 2  DG  A C5    1 
ATOM   32  C C6    . DG  A 1 2  ? -14.758 -5.200  7.032   1.00 22.20 ? 2  DG  A C6    1 
ATOM   33  O O6    . DG  A 1 2  ? -14.151 -4.311  7.626   1.00 28.74 ? 2  DG  A O6    1 
ATOM   34  N N1    . DG  A 1 2  ? -15.804 -4.863  6.180   1.00 16.54 ? 2  DG  A N1    1 
ATOM   35  C C2    . DG  A 1 2  ? -16.540 -5.754  5.462   1.00 18.18 ? 2  DG  A C2    1 
ATOM   36  N N2    . DG  A 1 2  ? -17.498 -5.236  4.690   1.00 17.12 ? 2  DG  A N2    1 
ATOM   37  N N3    . DG  A 1 2  ? -16.353 -7.061  5.494   1.00 21.99 ? 2  DG  A N3    1 
ATOM   38  C C4    . DG  A 1 2  ? -15.347 -7.415  6.324   1.00 19.87 ? 2  DG  A C4    1 
ATOM   39  P P     . DC  A 1 3  ? -15.165 -13.278 3.413   1.00 40.63 ? 3  DC  A P     1 
ATOM   40  O OP1   . DC  A 1 3  ? -15.942 -14.405 2.849   1.00 45.85 ? 3  DC  A OP1   1 
ATOM   41  O OP2   . DC  A 1 3  ? -13.727 -13.439 3.704   1.00 43.00 ? 3  DC  A OP2   1 
ATOM   42  O "O5'" . DC  A 1 3  ? -15.340 -12.025 2.471   1.00 37.58 ? 3  DC  A "O5'" 1 
ATOM   43  C "C5'" . DC  A 1 3  ? -16.645 -11.561 2.259   1.00 36.32 ? 3  DC  A "C5'" 1 
ATOM   44  C "C4'" . DC  A 1 3  ? -16.620 -10.234 1.558   1.00 35.54 ? 3  DC  A "C4'" 1 
ATOM   45  O "O4'" . DC  A 1 3  ? -16.126 -9.227  2.459   1.00 33.70 ? 3  DC  A "O4'" 1 
ATOM   46  C "C3'" . DC  A 1 3  ? -15.698 -10.216 0.351   1.00 40.57 ? 3  DC  A "C3'" 1 
ATOM   47  O "O3'" . DC  A 1 3  ? -16.458 -10.204 -0.849  1.00 44.00 ? 3  DC  A "O3'" 1 
ATOM   48  C "C2'" . DC  A 1 3  ? -14.800 -9.010  0.567   1.00 40.60 ? 3  DC  A "C2'" 1 
ATOM   49  C "C1'" . DC  A 1 3  ? -15.439 -8.255  1.718   1.00 32.25 ? 3  DC  A "C1'" 1 
ATOM   50  N N1    . DC  A 1 3  ? -14.425 -7.693  2.576   1.00 20.45 ? 3  DC  A N1    1 
ATOM   51  C C2    . DC  A 1 3  ? -14.446 -6.357  2.836   1.00 22.44 ? 3  DC  A C2    1 
ATOM   52  O O2    . DC  A 1 3  ? -15.365 -5.686  2.365   1.00 29.87 ? 3  DC  A O2    1 
ATOM   53  N N3    . DC  A 1 3  ? -13.471 -5.811  3.588   1.00 18.55 ? 3  DC  A N3    1 
ATOM   54  C C4    . DC  A 1 3  ? -12.503 -6.583  4.069   1.00 22.39 ? 3  DC  A C4    1 
ATOM   55  N N4    . DC  A 1 3  ? -11.541 -6.018  4.806   1.00 24.69 ? 3  DC  A N4    1 
ATOM   56  C C5    . DC  A 1 3  ? -12.471 -7.968  3.824   1.00 21.99 ? 3  DC  A C5    1 
ATOM   57  C C6    . DC  A 1 3  ? -13.447 -8.480  3.086   1.00 21.56 ? 3  DC  A C6    1 
ATOM   58  P P     . DG  A 1 4  ? -15.716 -10.203 -2.262  1.00 39.68 ? 4  DG  A P     1 
ATOM   59  O OP1   . DG  A 1 4  ? -16.586 -10.966 -3.176  1.00 47.22 ? 4  DG  A OP1   1 
ATOM   60  O OP2   . DG  A 1 4  ? -14.296 -10.590 -2.088  1.00 43.16 ? 4  DG  A OP2   1 
ATOM   61  O "O5'" . DG  A 1 4  ? -15.719 -8.664  -2.651  1.00 44.74 ? 4  DG  A "O5'" 1 
ATOM   62  C "C5'" . DG  A 1 4  ? -16.945 -7.939  -2.664  1.00 40.23 ? 4  DG  A "C5'" 1 
ATOM   63  C "C4'" . DG  A 1 4  ? -16.695 -6.513  -3.084  1.00 43.09 ? 4  DG  A "C4'" 1 
ATOM   64  O "O4'" . DG  A 1 4  ? -15.948 -5.827  -2.047  1.00 41.54 ? 4  DG  A "O4'" 1 
ATOM   65  C "C3'" . DG  A 1 4  ? -15.858 -6.413  -4.360  1.00 45.96 ? 4  DG  A "C3'" 1 
ATOM   66  O "O3'" . DG  A 1 4  ? -16.411 -5.428  -5.249  1.00 58.09 ? 4  DG  A "O3'" 1 
ATOM   67  C "C2'" . DG  A 1 4  ? -14.462 -6.109  -3.860  1.00 40.51 ? 4  DG  A "C2'" 1 
ATOM   68  C "C1'" . DG  A 1 4  ? -14.699 -5.376  -2.548  1.00 35.75 ? 4  DG  A "C1'" 1 
ATOM   69  N N9    . DG  A 1 4  ? -13.669 -5.694  -1.569  1.00 27.77 ? 4  DG  A N9    1 
ATOM   70  C C8    . DG  A 1 4  ? -13.046 -6.907  -1.400  1.00 25.35 ? 4  DG  A C8    1 
ATOM   71  N N7    . DG  A 1 4  ? -12.110 -6.880  -0.491  1.00 26.73 ? 4  DG  A N7    1 
ATOM   72  C C5    . DG  A 1 4  ? -12.128 -5.572  -0.023  1.00 23.66 ? 4  DG  A C5    1 
ATOM   73  C C6    . DG  A 1 4  ? -11.330 -4.940  0.965   1.00 32.51 ? 4  DG  A C6    1 
ATOM   74  O O6    . DG  A 1 4  ? -10.408 -5.427  1.658   1.00 31.07 ? 4  DG  A O6    1 
ATOM   75  N N1    . DG  A 1 4  ? -11.684 -3.603  1.117   1.00 27.99 ? 4  DG  A N1    1 
ATOM   76  C C2    . DG  A 1 4  ? -12.673 -2.966  0.416   1.00 27.34 ? 4  DG  A C2    1 
ATOM   77  N N2    . DG  A 1 4  ? -12.846 -1.673  0.685   1.00 30.05 ? 4  DG  A N2    1 
ATOM   78  N N3    . DG  A 1 4  ? -13.430 -3.546  -0.488  1.00 19.90 ? 4  DG  A N3    1 
ATOM   79  C C4    . DG  A 1 4  ? -13.100 -4.836  -0.663  1.00 23.66 ? 4  DG  A C4    1 
ATOM   80  P P     . DA  A 1 5  ? -15.574 -4.931  -6.537  1.00 60.16 ? 5  DA  A P     1 
ATOM   81  O OP1   . DA  A 1 5  ? -16.556 -4.484  -7.552  1.00 66.13 ? 5  DA  A OP1   1 
ATOM   82  O OP2   . DA  A 1 5  ? -14.545 -5.953  -6.885  1.00 58.51 ? 5  DA  A OP2   1 
ATOM   83  O "O5'" . DA  A 1 5  ? -14.834 -3.625  -6.020  1.00 53.82 ? 5  DA  A "O5'" 1 
ATOM   84  C "C5'" . DA  A 1 5  ? -15.598 -2.527  -5.547  1.00 37.72 ? 5  DA  A "C5'" 1 
ATOM   85  C "C4'" . DA  A 1 5  ? -14.678 -1.388  -5.210  1.00 34.38 ? 5  DA  A "C4'" 1 
ATOM   86  O "O4'" . DA  A 1 5  ? -13.794 -1.806  -4.143  1.00 31.31 ? 5  DA  A "O4'" 1 
ATOM   87  C "C3'" . DA  A 1 5  ? -13.773 -0.988  -6.371  1.00 32.16 ? 5  DA  A "C3'" 1 
ATOM   88  O "O3'" . DA  A 1 5  ? -13.745 0.437   -6.445  1.00 42.91 ? 5  DA  A "O3'" 1 
ATOM   89  C "C2'" . DA  A 1 5  ? -12.434 -1.605  -6.025  1.00 29.27 ? 5  DA  A "C2'" 1 
ATOM   90  C "C1'" . DA  A 1 5  ? -12.447 -1.599  -4.513  1.00 25.24 ? 5  DA  A "C1'" 1 
ATOM   91  N N9    . DA  A 1 5  ? -11.669 -2.666  -3.935  1.00 25.87 ? 5  DA  A N9    1 
ATOM   92  C C8    . DA  A 1 5  ? -11.679 -3.989  -4.300  1.00 29.00 ? 5  DA  A C8    1 
ATOM   93  N N7    . DA  A 1 5  ? -10.864 -4.738  -3.589  1.00 30.71 ? 5  DA  A N7    1 
ATOM   94  C C5    . DA  A 1 5  ? -10.284 -3.843  -2.694  1.00 21.92 ? 5  DA  A C5    1 
ATOM   95  C C6    . DA  A 1 5  ? -9.339  -4.013  -1.676  1.00 21.05 ? 5  DA  A C6    1 
ATOM   96  N N6    . DA  A 1 5  ? -8.816  -5.187  -1.351  1.00 22.61 ? 5  DA  A N6    1 
ATOM   97  N N1    . DA  A 1 5  ? -8.951  -2.928  -0.986  1.00 23.15 ? 5  DA  A N1    1 
ATOM   98  C C2    . DA  A 1 5  ? -9.502  -1.748  -1.291  1.00 26.74 ? 5  DA  A C2    1 
ATOM   99  N N3    . DA  A 1 5  ? -10.414 -1.460  -2.220  1.00 29.44 ? 5  DA  A N3    1 
ATOM   100 C C4    . DA  A 1 5  ? -10.765 -2.566  -2.899  1.00 26.87 ? 5  DA  A C4    1 
ATOM   101 P P     . DA  A 1 6  ? -12.700 1.178   -7.409  1.00 46.68 ? 6  DA  A P     1 
ATOM   102 O OP1   . DA  A 1 6  ? -13.271 2.505   -7.736  1.00 49.32 ? 6  DA  A OP1   1 
ATOM   103 O OP2   . DA  A 1 6  ? -12.314 0.248   -8.498  1.00 49.43 ? 6  DA  A OP2   1 
ATOM   104 O "O5'" . DA  A 1 6  ? -11.432 1.395   -6.474  1.00 42.74 ? 6  DA  A "O5'" 1 
ATOM   105 C "C5'" . DA  A 1 6  ? -11.531 2.237   -5.335  1.00 34.99 ? 6  DA  A "C5'" 1 
ATOM   106 C "C4'" . DA  A 1 6  ? -10.173 2.429   -4.707  1.00 32.78 ? 6  DA  A "C4'" 1 
ATOM   107 O "O4'" . DA  A 1 6  ? -9.693  1.137   -4.290  1.00 34.31 ? 6  DA  A "O4'" 1 
ATOM   108 C "C3'" . DA  A 1 6  ? -9.114  2.993   -5.646  1.00 29.81 ? 6  DA  A "C3'" 1 
ATOM   109 O "O3'" . DA  A 1 6  ? -8.456  4.113   -5.046  1.00 28.94 ? 6  DA  A "O3'" 1 
ATOM   110 C "C2'" . DA  A 1 6  ? -8.223  1.806   -5.970  1.00 28.75 ? 6  DA  A "C2'" 1 
ATOM   111 C "C1'" . DA  A 1 6  ? -8.379  0.926   -4.753  1.00 30.05 ? 6  DA  A "C1'" 1 
ATOM   112 N N9    . DA  A 1 6  ? -8.197  -0.526  -4.954  1.00 28.01 ? 6  DA  A N9    1 
ATOM   113 C C8    . DA  A 1 6  ? -8.684  -1.363  -5.935  1.00 24.70 ? 6  DA  A C8    1 
ATOM   114 N N7    . DA  A 1 6  ? -8.330  -2.619  -5.777  1.00 22.64 ? 6  DA  A N7    1 
ATOM   115 C C5    . DA  A 1 6  ? -7.573  -2.608  -4.609  1.00 20.18 ? 6  DA  A C5    1 
ATOM   116 C C6    . DA  A 1 6  ? -6.927  -3.624  -3.879  1.00 19.14 ? 6  DA  A C6    1 
ATOM   117 N N6    . DA  A 1 6  ? -6.976  -4.916  -4.186  1.00 24.67 ? 6  DA  A N6    1 
ATOM   118 N N1    . DA  A 1 6  ? -6.232  -3.265  -2.789  1.00 21.58 ? 6  DA  A N1    1 
ATOM   119 C C2    . DA  A 1 6  ? -6.215  -1.980  -2.434  1.00 23.11 ? 6  DA  A C2    1 
ATOM   120 N N3    . DA  A 1 6  ? -6.804  -0.943  -3.010  1.00 26.95 ? 6  DA  A N3    1 
ATOM   121 C C4    . DA  A 1 6  ? -7.471  -1.327  -4.107  1.00 22.66 ? 6  DA  A C4    1 
ATOM   122 P P     . DT  A 1 7  ? -7.260  4.844   -5.830  1.00 34.89 ? 7  DT  A P     1 
ATOM   123 O OP1   . DT  A 1 7  ? -7.126  6.247   -5.382  1.00 34.85 ? 7  DT  A OP1   1 
ATOM   124 O OP2   . DT  A 1 7  ? -7.350  4.532   -7.281  1.00 30.05 ? 7  DT  A OP2   1 
ATOM   125 O "O5'" . DT  A 1 7  ? -5.990  4.069   -5.297  1.00 33.02 ? 7  DT  A "O5'" 1 
ATOM   126 C "C5'" . DT  A 1 7  ? -5.775  3.986   -3.909  1.00 28.98 ? 7  DT  A "C5'" 1 
ATOM   127 C "C4'" . DT  A 1 7  ? -4.528  3.195   -3.634  1.00 25.64 ? 7  DT  A "C4'" 1 
ATOM   128 O "O4'" . DT  A 1 7  ? -4.751  1.806   -3.934  1.00 26.50 ? 7  DT  A "O4'" 1 
ATOM   129 C "C3'" . DT  A 1 7  ? -3.334  3.616   -4.478  1.00 29.52 ? 7  DT  A "C3'" 1 
ATOM   130 O "O3'" . DT  A 1 7  ? -2.323  4.095   -3.602  1.00 36.95 ? 7  DT  A "O3'" 1 
ATOM   131 C "C2'" . DT  A 1 7  ? -2.958  2.371   -5.270  1.00 26.06 ? 7  DT  A "C2'" 1 
ATOM   132 C "C1'" . DT  A 1 7  ? -3.551  1.267   -4.433  1.00 24.40 ? 7  DT  A "C1'" 1 
ATOM   133 N N1    . DT  A 1 7  ? -3.885  0.080   -5.144  1.00 20.74 ? 7  DT  A N1    1 
ATOM   134 C C2    . DT  A 1 7  ? -3.402  -1.112  -4.675  1.00 24.10 ? 7  DT  A C2    1 
ATOM   135 O O2    . DT  A 1 7  ? -2.656  -1.195  -3.720  1.00 31.67 ? 7  DT  A O2    1 
ATOM   136 N N3    . DT  A 1 7  ? -3.815  -2.212  -5.372  1.00 22.56 ? 7  DT  A N3    1 
ATOM   137 C C4    . DT  A 1 7  ? -4.633  -2.225  -6.477  1.00 22.58 ? 7  DT  A C4    1 
ATOM   138 O O4    . DT  A 1 7  ? -4.945  -3.287  -6.991  1.00 31.24 ? 7  DT  A O4    1 
ATOM   139 C C5    . DT  A 1 7  ? -5.068  -0.938  -6.934  1.00 24.15 ? 7  DT  A C5    1 
ATOM   140 C C7    . DT  A 1 7  ? -5.922  -0.860  -8.156  1.00 26.80 ? 7  DT  A C7    1 
ATOM   141 C C6    . DT  A 1 7  ? -4.684  0.140   -6.250  1.00 22.41 ? 7  DT  A C6    1 
ATOM   142 P P     . DT  A 1 8  ? -0.925  4.596   -4.193  1.00 37.33 ? 8  DT  A P     1 
ATOM   143 O OP1   . DT  A 1 8  ? -0.521  5.786   -3.397  1.00 38.39 ? 8  DT  A OP1   1 
ATOM   144 O OP2   . DT  A 1 8  ? -0.950  4.648   -5.676  1.00 40.16 ? 8  DT  A OP2   1 
ATOM   145 O "O5'" . DT  A 1 8  ? 0.040   3.384   -3.906  1.00 35.77 ? 8  DT  A "O5'" 1 
ATOM   146 C "C5'" . DT  A 1 8  ? 0.304   3.012   -2.581  1.00 27.09 ? 8  DT  A "C5'" 1 
ATOM   147 C "C4'" . DT  A 1 8  ? 1.196   1.811   -2.584  1.00 23.07 ? 8  DT  A "C4'" 1 
ATOM   148 O "O4'" . DT  A 1 8  ? 0.485   0.788   -3.315  1.00 25.41 ? 8  DT  A "O4'" 1 
ATOM   149 C "C3'" . DT  A 1 8  ? 2.477   2.060   -3.364  1.00 27.15 ? 8  DT  A "C3'" 1 
ATOM   150 O "O3'" . DT  A 1 8  ? 3.606   1.897   -2.517  1.00 38.78 ? 8  DT  A "O3'" 1 
ATOM   151 C "C2'" . DT  A 1 8  ? 2.414   1.107   -4.551  1.00 23.35 ? 8  DT  A "C2'" 1 
ATOM   152 C "C1'" . DT  A 1 8  ? 1.406   0.071   -4.108  1.00 24.12 ? 8  DT  A "C1'" 1 
ATOM   153 N N1    . DT  A 1 8  ? 0.648   -0.580  -5.186  1.00 22.30 ? 8  DT  A N1    1 
ATOM   154 C C2    . DT  A 1 8  ? 0.614   -1.953  -5.223  1.00 28.29 ? 8  DT  A C2    1 
ATOM   155 O O2    . DT  A 1 8  ? 1.218   -2.662  -4.432  1.00 36.78 ? 8  DT  A O2    1 
ATOM   156 N N3    . DT  A 1 8  ? -0.162  -2.478  -6.234  1.00 25.74 ? 8  DT  A N3    1 
ATOM   157 C C4    . DT  A 1 8  ? -0.879  -1.779  -7.181  1.00 21.23 ? 8  DT  A C4    1 
ATOM   158 O O4    . DT  A 1 8  ? -1.551  -2.379  -7.997  1.00 20.21 ? 8  DT  A O4    1 
ATOM   159 C C5    . DT  A 1 8  ? -0.770  -0.346  -7.101  1.00 18.62 ? 8  DT  A C5    1 
ATOM   160 C C7    . DT  A 1 8  ? -1.485  0.485   -8.107  1.00 19.61 ? 8  DT  A C7    1 
ATOM   161 C C6    . DT  A 1 8  ? -0.027  0.177   -6.122  1.00 21.69 ? 8  DT  A C6    1 
ATOM   162 P P     . DC  A 1 9  ? 5.067   1.805   -3.159  1.00 43.78 ? 9  DC  A P     1 
ATOM   163 O OP1   . DC  A 1 9  ? 6.075   2.239   -2.159  1.00 51.38 ? 9  DC  A OP1   1 
ATOM   164 O OP2   . DC  A 1 9  ? 5.024   2.437   -4.503  1.00 44.16 ? 9  DC  A OP2   1 
ATOM   165 O "O5'" . DC  A 1 9  ? 5.221   0.249   -3.403  1.00 43.02 ? 9  DC  A "O5'" 1 
ATOM   166 C "C5'" . DC  A 1 9  ? 4.878   -0.646  -2.364  1.00 42.52 ? 9  DC  A "C5'" 1 
ATOM   167 C "C4'" . DC  A 1 9  ? 5.333   -2.034  -2.719  1.00 42.82 ? 9  DC  A "C4'" 1 
ATOM   168 O "O4'" . DC  A 1 9  ? 4.462   -2.598  -3.722  1.00 44.22 ? 9  DC  A "O4'" 1 
ATOM   169 C "C3'" . DC  A 1 9  ? 6.740   -2.040  -3.304  1.00 44.87 ? 9  DC  A "C3'" 1 
ATOM   170 O "O3'" . DC  A 1 9  ? 7.514   -3.011  -2.594  1.00 48.15 ? 9  DC  A "O3'" 1 
ATOM   171 C "C2'" . DC  A 1 9  ? 6.525   -2.281  -4.791  1.00 42.51 ? 9  DC  A "C2'" 1 
ATOM   172 C "C1'" . DC  A 1 9  ? 5.212   -3.039  -4.837  1.00 40.80 ? 9  DC  A "C1'" 1 
ATOM   173 N N1    . DC  A 1 9  ? 4.383   -2.836  -6.033  1.00 35.67 ? 9  DC  A N1    1 
ATOM   174 C C2    . DC  A 1 9  ? 3.813   -3.960  -6.637  1.00 36.81 ? 9  DC  A C2    1 
ATOM   175 O O2    . DC  A 1 9  ? 4.089   -5.086  -6.190  1.00 34.63 ? 9  DC  A O2    1 
ATOM   176 N N3    . DC  A 1 9  ? 2.978   -3.798  -7.700  1.00 37.21 ? 9  DC  A N3    1 
ATOM   177 C C4    . DC  A 1 9  ? 2.728   -2.578  -8.168  1.00 32.66 ? 9  DC  A C4    1 
ATOM   178 N N4    . DC  A 1 9  ? 1.879   -2.479  -9.190  1.00 28.69 ? 9  DC  A N4    1 
ATOM   179 C C5    . DC  A 1 9  ? 3.335   -1.410  -7.598  1.00 34.23 ? 9  DC  A C5    1 
ATOM   180 C C6    . DC  A 1 9  ? 4.146   -1.585  -6.537  1.00 35.97 ? 9  DC  A C6    1 
ATOM   181 P P     . DG  A 1 10 ? 9.102   -3.109  -2.817  1.00 49.25 ? 10 DG  A P     1 
ATOM   182 O OP1   . DG  A 1 10 ? 9.637   -3.551  -1.499  1.00 49.91 ? 10 DG  A OP1   1 
ATOM   183 O OP2   . DG  A 1 10 ? 9.631   -1.880  -3.467  1.00 44.67 ? 10 DG  A OP2   1 
ATOM   184 O "O5'" . DG  A 1 10 ? 9.217   -4.283  -3.880  1.00 48.66 ? 10 DG  A "O5'" 1 
ATOM   185 C "C5'" . DG  A 1 10 ? 8.595   -5.524  -3.598  1.00 47.10 ? 10 DG  A "C5'" 1 
ATOM   186 C "C4'" . DG  A 1 10 ? 8.708   -6.454  -4.778  1.00 49.70 ? 10 DG  A "C4'" 1 
ATOM   187 O "O4'" . DG  A 1 10 ? 7.757   -6.112  -5.803  1.00 46.34 ? 10 DG  A "O4'" 1 
ATOM   188 C "C3'" . DG  A 1 10 ? 10.080  -6.518  -5.442  1.00 48.87 ? 10 DG  A "C3'" 1 
ATOM   189 O "O3'" . DG  A 1 10 ? 10.590  -7.847  -5.258  1.00 53.30 ? 10 DG  A "O3'" 1 
ATOM   190 C "C2'" . DG  A 1 10 ? 9.867   -5.967  -6.845  1.00 39.76 ? 10 DG  A "C2'" 1 
ATOM   191 C "C1'" . DG  A 1 10 ? 8.370   -6.071  -7.081  1.00 43.00 ? 10 DG  A "C1'" 1 
ATOM   192 N N9    . DG  A 1 10 ? 7.754   -4.950  -7.830  1.00 42.02 ? 10 DG  A N9    1 
ATOM   193 C C8    . DG  A 1 10 ? 7.997   -3.601  -7.677  1.00 38.16 ? 10 DG  A C8    1 
ATOM   194 N N7    . DG  A 1 10 ? 7.264   -2.854  -8.463  1.00 33.58 ? 10 DG  A N7    1 
ATOM   195 C C5    . DG  A 1 10 ? 6.494   -3.761  -9.184  1.00 34.20 ? 10 DG  A C5    1 
ATOM   196 C C6    . DG  A 1 10 ? 5.499   -3.548  -10.194 1.00 33.95 ? 10 DG  A C6    1 
ATOM   197 O O6    . DG  A 1 10 ? 5.080   -2.474  -10.661 1.00 35.11 ? 10 DG  A O6    1 
ATOM   198 N N1    . DG  A 1 10 ? 4.977   -4.751  -10.655 1.00 27.35 ? 10 DG  A N1    1 
ATOM   199 C C2    . DG  A 1 10 ? 5.349   -5.989  -10.207 1.00 26.69 ? 10 DG  A C2    1 
ATOM   200 N N2    . DG  A 1 10 ? 4.743   -7.012  -10.763 1.00 33.61 ? 10 DG  A N2    1 
ATOM   201 N N3    . DG  A 1 10 ? 6.253   -6.206  -9.278  1.00 33.26 ? 10 DG  A N3    1 
ATOM   202 C C4    . DG  A 1 10 ? 6.786   -5.056  -8.811  1.00 35.70 ? 10 DG  A C4    1 
ATOM   203 P P     . DC  A 1 11 ? 11.625  -8.493  -6.288  1.00 58.98 ? 11 DC  A P     1 
ATOM   204 O OP1   . DC  A 1 11 ? 12.429  -9.467  -5.513  1.00 66.68 ? 11 DC  A OP1   1 
ATOM   205 O OP2   . DC  A 1 11 ? 12.304  -7.433  -7.080  1.00 59.13 ? 11 DC  A OP2   1 
ATOM   206 O "O5'" . DC  A 1 11 ? 10.665  -9.336  -7.229  1.00 58.12 ? 11 DC  A "O5'" 1 
ATOM   207 C "C5'" . DC  A 1 11 ? 9.732   -10.236 -6.635  1.00 51.86 ? 11 DC  A "C5'" 1 
ATOM   208 C "C4'" . DC  A 1 11 ? 9.067   -11.067 -7.700  1.00 48.82 ? 11 DC  A "C4'" 1 
ATOM   209 O "O4'" . DC  A 1 11 ? 8.353   -10.200 -8.613  1.00 48.10 ? 11 DC  A "O4'" 1 
ATOM   210 C "C3'" . DC  A 1 11 ? 10.059  -11.841 -8.553  1.00 48.61 ? 11 DC  A "C3'" 1 
ATOM   211 O "O3'" . DC  A 1 11 ? 9.482   -13.094 -8.895  1.00 52.39 ? 11 DC  A "O3'" 1 
ATOM   212 C "C2'" . DC  A 1 11 ? 10.271  -10.947 -9.758  1.00 46.42 ? 11 DC  A "C2'" 1 
ATOM   213 C "C1'" . DC  A 1 11 ? 8.939   -10.231 -9.905  1.00 41.83 ? 11 DC  A "C1'" 1 
ATOM   214 N N1    . DC  A 1 11 ? 9.095   -8.855  -10.351 1.00 35.53 ? 11 DC  A N1    1 
ATOM   215 C C2    . DC  A 1 11 ? 8.270   -8.366  -11.368 1.00 32.45 ? 11 DC  A C2    1 
ATOM   216 O O2    . DC  A 1 11 ? 7.439   -9.119  -11.877 1.00 38.41 ? 11 DC  A O2    1 
ATOM   217 N N3    . DC  A 1 11 ? 8.400   -7.085  -11.773 1.00 27.48 ? 11 DC  A N3    1 
ATOM   218 C C4    . DC  A 1 11 ? 9.320   -6.306  -11.206 1.00 30.46 ? 11 DC  A C4    1 
ATOM   219 N N4    . DC  A 1 11 ? 9.418   -5.044  -11.623 1.00 28.24 ? 11 DC  A N4    1 
ATOM   220 C C5    . DC  A 1 11 ? 10.184  -6.786  -10.175 1.00 35.30 ? 11 DC  A C5    1 
ATOM   221 C C6    . DC  A 1 11 ? 10.036  -8.053  -9.781  1.00 30.35 ? 11 DC  A C6    1 
ATOM   222 P P     . DG  A 1 12 ? 10.281  -14.099 -9.844  1.00 53.16 ? 12 DG  A P     1 
ATOM   223 O OP1   . DG  A 1 12 ? 9.675   -15.440 -9.628  1.00 53.27 ? 12 DG  A OP1   1 
ATOM   224 O OP2   . DG  A 1 12 ? 11.741  -13.907 -9.670  1.00 50.94 ? 12 DG  A OP2   1 
ATOM   225 O "O5'" . DG  A 1 12 ? 9.956   -13.564 -11.309 1.00 58.23 ? 12 DG  A "O5'" 1 
ATOM   226 C "C5'" . DG  A 1 12 ? 8.656   -13.742 -11.878 1.00 54.03 ? 12 DG  A "C5'" 1 
ATOM   227 C "C4'" . DG  A 1 12 ? 8.719   -13.593 -13.380 1.00 52.18 ? 12 DG  A "C4'" 1 
ATOM   228 O "O4'" . DG  A 1 12 ? 8.798   -12.203 -13.774 1.00 46.32 ? 12 DG  A "O4'" 1 
ATOM   229 C "C3'" . DG  A 1 12 ? 9.916   -14.285 -14.031 1.00 52.19 ? 12 DG  A "C3'" 1 
ATOM   230 O "O3'" . DG  A 1 12 ? 9.521   -14.830 -15.300 1.00 59.85 ? 12 DG  A "O3'" 1 
ATOM   231 C "C2'" . DG  A 1 12 ? 10.893  -13.142 -14.245 1.00 46.02 ? 12 DG  A "C2'" 1 
ATOM   232 C "C1'" . DG  A 1 12 ? 9.954   -11.994 -14.570 1.00 42.28 ? 12 DG  A "C1'" 1 
ATOM   233 N N9    . DG  A 1 12 ? 10.480  -10.700 -14.231 1.00 37.88 ? 12 DG  A N9    1 
ATOM   234 C C8    . DG  A 1 12 ? 11.452  -10.428 -13.307 1.00 36.55 ? 12 DG  A C8    1 
ATOM   235 N N7    . DG  A 1 12 ? 11.715  -9.157  -13.204 1.00 36.11 ? 12 DG  A N7    1 
ATOM   236 C C5    . DG  A 1 12 ? 10.866  -8.554  -14.120 1.00 33.86 ? 12 DG  A C5    1 
ATOM   237 C C6    . DG  A 1 12 ? 10.694  -7.180  -14.455 1.00 36.14 ? 12 DG  A C6    1 
ATOM   238 O O6    . DG  A 1 12 ? 11.276  -6.192  -13.987 1.00 35.65 ? 12 DG  A O6    1 
ATOM   239 N N1    . DG  A 1 12 ? 9.722   -7.009  -15.434 1.00 33.06 ? 12 DG  A N1    1 
ATOM   240 C C2    . DG  A 1 12 ? 8.997   -8.016  -16.007 1.00 32.89 ? 12 DG  A C2    1 
ATOM   241 N N2    . DG  A 1 12 ? 8.095   -7.632  -16.909 1.00 35.05 ? 12 DG  A N2    1 
ATOM   242 N N3    . DG  A 1 12 ? 9.145   -9.303  -15.709 1.00 36.89 ? 12 DG  A N3    1 
ATOM   243 C C4    . DG  A 1 12 ? 10.095  -9.495  -14.762 1.00 36.84 ? 12 DG  A C4    1 
ATOM   244 O "O5'" . DC  B 1 1  ? 9.178   1.167   -18.623 1.00 80.58 ? 13 DC  B "O5'" 1 
ATOM   245 C "C5'" . DC  B 1 1  ? 9.082   0.895   -20.029 1.00 72.36 ? 13 DC  B "C5'" 1 
ATOM   246 C "C4'" . DC  B 1 1  ? 8.204   -0.302  -20.318 1.00 65.76 ? 13 DC  B "C4'" 1 
ATOM   247 O "O4'" . DC  B 1 1  ? 8.800   -1.491  -19.749 1.00 59.06 ? 13 DC  B "O4'" 1 
ATOM   248 C "C3'" . DC  B 1 1  ? 6.794   -0.214  -19.734 1.00 61.57 ? 13 DC  B "C3'" 1 
ATOM   249 O "O3'" . DC  B 1 1  ? 5.844   -0.717  -20.686 1.00 62.06 ? 13 DC  B "O3'" 1 
ATOM   250 C "C2'" . DC  B 1 1  ? 6.881   -1.022  -18.454 1.00 56.71 ? 13 DC  B "C2'" 1 
ATOM   251 C "C1'" . DC  B 1 1  ? 7.945   -2.062  -18.766 1.00 58.13 ? 13 DC  B "C1'" 1 
ATOM   252 N N1    . DC  B 1 1  ? 8.778   -2.442  -17.611 1.00 54.46 ? 13 DC  B N1    1 
ATOM   253 C C2    . DC  B 1 1  ? 8.638   -3.724  -17.065 1.00 49.90 ? 13 DC  B C2    1 
ATOM   254 O O2    . DC  B 1 1  ? 7.790   -4.484  -17.532 1.00 52.07 ? 13 DC  B O2    1 
ATOM   255 N N3    . DC  B 1 1  ? 9.430   -4.099  -16.041 1.00 54.11 ? 13 DC  B N3    1 
ATOM   256 C C4    . DC  B 1 1  ? 10.332  -3.248  -15.553 1.00 58.96 ? 13 DC  B C4    1 
ATOM   257 N N4    . DC  B 1 1  ? 11.107  -3.675  -14.564 1.00 58.76 ? 13 DC  B N4    1 
ATOM   258 C C5    . DC  B 1 1  ? 10.478  -1.923  -16.066 1.00 60.27 ? 13 DC  B C5    1 
ATOM   259 C C6    . DC  B 1 1  ? 9.686   -1.566  -17.088 1.00 57.54 ? 13 DC  B C6    1 
ATOM   260 P P     . DG  B 1 2  ? 4.276   -0.779  -20.317 1.00 61.44 ? 14 DG  B P     1 
ATOM   261 O OP1   . DG  B 1 2  ? 3.536   -0.733  -21.603 1.00 65.55 ? 14 DG  B OP1   1 
ATOM   262 O OP2   . DG  B 1 2  ? 3.992   0.231   -19.264 1.00 58.39 ? 14 DG  B OP2   1 
ATOM   263 O "O5'" . DG  B 1 2  ? 4.086   -2.234  -19.693 1.00 56.37 ? 14 DG  B "O5'" 1 
ATOM   264 C "C5'" . DG  B 1 2  ? 4.200   -3.378  -20.534 1.00 44.95 ? 14 DG  B "C5'" 1 
ATOM   265 C "C4'" . DG  B 1 2  ? 3.552   -4.586  -19.899 1.00 42.10 ? 14 DG  B "C4'" 1 
ATOM   266 O "O4'" . DG  B 1 2  ? 4.384   -5.082  -18.836 1.00 39.03 ? 14 DG  B "O4'" 1 
ATOM   267 C "C3'" . DG  B 1 2  ? 2.161   -4.375  -19.302 1.00 41.18 ? 14 DG  B "C3'" 1 
ATOM   268 O "O3'" . DG  B 1 2  ? 1.269   -5.404  -19.731 1.00 38.86 ? 14 DG  B "O3'" 1 
ATOM   269 C "C2'" . DG  B 1 2  ? 2.393   -4.367  -17.802 1.00 36.51 ? 14 DG  B "C2'" 1 
ATOM   270 C "C1'" . DG  B 1 2  ? 3.677   -5.147  -17.615 1.00 32.79 ? 14 DG  B "C1'" 1 
ATOM   271 N N9    . DG  B 1 2  ? 4.516   -4.541  -16.618 1.00 33.28 ? 14 DG  B N9    1 
ATOM   272 C C8    . DG  B 1 2  ? 4.742   -3.201  -16.444 1.00 28.06 ? 14 DG  B C8    1 
ATOM   273 N N7    . DG  B 1 2  ? 5.542   -2.944  -15.448 1.00 30.13 ? 14 DG  B N7    1 
ATOM   274 C C5    . DG  B 1 2  ? 5.872   -4.193  -14.941 1.00 30.99 ? 14 DG  B C5    1 
ATOM   275 C C6    . DG  B 1 2  ? 6.704   -4.548  -13.860 1.00 29.67 ? 14 DG  B C6    1 
ATOM   276 O O6    . DG  B 1 2  ? 7.351   -3.808  -13.124 1.00 34.73 ? 14 DG  B O6    1 
ATOM   277 N N1    . DG  B 1 2  ? 6.743   -5.925  -13.668 1.00 30.26 ? 14 DG  B N1    1 
ATOM   278 C C2    . DG  B 1 2  ? 6.074   -6.845  -14.434 1.00 31.50 ? 14 DG  B C2    1 
ATOM   279 N N2    . DG  B 1 2  ? 6.209   -8.118  -14.072 1.00 32.68 ? 14 DG  B N2    1 
ATOM   280 N N3    . DG  B 1 2  ? 5.315   -6.532  -15.468 1.00 32.82 ? 14 DG  B N3    1 
ATOM   281 C C4    . DG  B 1 2  ? 5.251   -5.192  -15.656 1.00 34.21 ? 14 DG  B C4    1 
ATOM   282 P P     . DC  B 1 3  ? -0.141  -5.594  -18.999 1.00 36.69 ? 15 DC  B P     1 
ATOM   283 O OP1   . DC  B 1 3  ? -1.022  -6.405  -19.871 1.00 47.78 ? 15 DC  B OP1   1 
ATOM   284 O OP2   . DC  B 1 3  ? -0.603  -4.287  -18.478 1.00 38.73 ? 15 DC  B OP2   1 
ATOM   285 O "O5'" . DC  B 1 3  ? 0.221   -6.510  -17.765 1.00 37.06 ? 15 DC  B "O5'" 1 
ATOM   286 C "C5'" . DC  B 1 3  ? 0.789   -7.780  -18.006 1.00 30.92 ? 15 DC  B "C5'" 1 
ATOM   287 C "C4'" . DC  B 1 3  ? 0.996   -8.506  -16.704 1.00 26.43 ? 15 DC  B "C4'" 1 
ATOM   288 O "O4'" . DC  B 1 3  ? 1.902   -7.740  -15.887 1.00 29.77 ? 15 DC  B "O4'" 1 
ATOM   289 C "C3'" . DC  B 1 3  ? -0.281  -8.631  -15.901 1.00 23.26 ? 15 DC  B "C3'" 1 
ATOM   290 O "O3'" . DC  B 1 3  ? -0.636  -9.989  -15.733 1.00 30.23 ? 15 DC  B "O3'" 1 
ATOM   291 C "C2'" . DC  B 1 3  ? -0.038  -7.836  -14.634 1.00 26.78 ? 15 DC  B "C2'" 1 
ATOM   292 C "C1'" . DC  B 1 3  ? 1.449   -7.677  -14.557 1.00 20.57 ? 15 DC  B "C1'" 1 
ATOM   293 N N1    . DC  B 1 3  ? 1.825   -6.371  -14.035 1.00 21.88 ? 15 DC  B N1    1 
ATOM   294 C C2    . DC  B 1 3  ? 2.774   -6.287  -13.032 1.00 19.76 ? 15 DC  B C2    1 
ATOM   295 O O2    . DC  B 1 3  ? 3.257   -7.315  -12.591 1.00 27.34 ? 15 DC  B O2    1 
ATOM   296 N N3    . DC  B 1 3  ? 3.141   -5.083  -12.567 1.00 21.00 ? 15 DC  B N3    1 
ATOM   297 C C4    . DC  B 1 3  ? 2.591   -3.983  -13.077 1.00 23.26 ? 15 DC  B C4    1 
ATOM   298 N N4    . DC  B 1 3  ? 3.000   -2.799  -12.618 1.00 29.10 ? 15 DC  B N4    1 
ATOM   299 C C5    . DC  B 1 3  ? 1.604   -4.041  -14.086 1.00 22.82 ? 15 DC  B C5    1 
ATOM   300 C C6    . DC  B 1 3  ? 1.253   -5.246  -14.534 1.00 23.26 ? 15 DC  B C6    1 
ATOM   301 P P     . DG  B 1 4  ? -2.052  -10.359 -15.078 1.00 34.13 ? 16 DG  B P     1 
ATOM   302 O OP1   . DG  B 1 4  ? -2.683  -11.429 -15.891 1.00 41.65 ? 16 DG  B OP1   1 
ATOM   303 O OP2   . DG  B 1 4  ? -2.797  -9.110  -14.785 1.00 26.87 ? 16 DG  B OP2   1 
ATOM   304 O "O5'" . DG  B 1 4  ? -1.626  -10.958 -13.676 1.00 37.62 ? 16 DG  B "O5'" 1 
ATOM   305 C "C5'" . DG  B 1 4  ? -0.709  -12.030 -13.631 1.00 28.42 ? 16 DG  B "C5'" 1 
ATOM   306 C "C4'" . DG  B 1 4  ? -0.143  -12.129 -12.248 1.00 30.55 ? 16 DG  B "C4'" 1 
ATOM   307 O "O4'" . DG  B 1 4  ? 0.408   -10.826 -11.937 1.00 28.02 ? 16 DG  B "O4'" 1 
ATOM   308 C "C3'" . DG  B 1 4  ? -1.214  -12.402 -11.198 1.00 34.73 ? 16 DG  B "C3'" 1 
ATOM   309 O "O3'" . DG  B 1 4  ? -0.743  -13.433 -10.317 1.00 50.07 ? 16 DG  B "O3'" 1 
ATOM   310 C "C2'" . DG  B 1 4  ? -1.458  -11.054 -10.542 1.00 30.80 ? 16 DG  B "C2'" 1 
ATOM   311 C "C1'" . DG  B 1 4  ? -0.137  -10.348 -10.721 1.00 29.99 ? 16 DG  B "C1'" 1 
ATOM   312 N N9    . DG  B 1 4  ? -0.247  -8.897  -10.807 1.00 24.34 ? 16 DG  B N9    1 
ATOM   313 C C8    . DG  B 1 4  ? -1.158  -8.165  -11.525 1.00 23.79 ? 16 DG  B C8    1 
ATOM   314 N N7    . DG  B 1 4  ? -0.995  -6.876  -11.399 1.00 22.82 ? 16 DG  B N7    1 
ATOM   315 C C5    . DG  B 1 4  ? 0.088   -6.756  -10.534 1.00 19.02 ? 16 DG  B C5    1 
ATOM   316 C C6    . DG  B 1 4  ? 0.714   -5.615  -10.015 1.00 14.89 ? 16 DG  B C6    1 
ATOM   317 O O6    . DG  B 1 4  ? 0.433   -4.435  -10.203 1.00 27.05 ? 16 DG  B O6    1 
ATOM   318 N N1    . DG  B 1 4  ? 1.765   -5.941  -9.183  1.00 20.15 ? 16 DG  B N1    1 
ATOM   319 C C2    . DG  B 1 4  ? 2.157   -7.220  -8.870  1.00 26.42 ? 16 DG  B C2    1 
ATOM   320 N N2    . DG  B 1 4  ? 3.190   -7.346  -8.021  1.00 29.39 ? 16 DG  B N2    1 
ATOM   321 N N3    . DG  B 1 4  ? 1.579   -8.296  -9.343  1.00 27.50 ? 16 DG  B N3    1 
ATOM   322 C C4    . DG  B 1 4  ? 0.558   -7.993  -10.165 1.00 23.18 ? 16 DG  B C4    1 
ATOM   323 P P     . DA  B 1 5  ? -1.430  -13.665 -8.882  1.00 49.20 ? 17 DA  B P     1 
ATOM   324 O OP1   . DA  B 1 5  ? -1.167  -15.073 -8.498  1.00 54.40 ? 17 DA  B OP1   1 
ATOM   325 O OP2   . DA  B 1 5  ? -2.823  -13.149 -8.889  1.00 54.26 ? 17 DA  B OP2   1 
ATOM   326 O "O5'" . DA  B 1 5  ? -0.558  -12.728 -7.948  1.00 48.63 ? 17 DA  B "O5'" 1 
ATOM   327 C "C5'" . DA  B 1 5  ? 0.841   -12.944 -7.869  1.00 43.75 ? 17 DA  B "C5'" 1 
ATOM   328 C "C4'" . DA  B 1 5  ? 1.396   -12.267 -6.644  1.00 47.26 ? 17 DA  B "C4'" 1 
ATOM   329 O "O4'" . DA  B 1 5  ? 1.354   -10.830 -6.813  1.00 47.95 ? 17 DA  B "O4'" 1 
ATOM   330 C "C3'" . DA  B 1 5  ? 0.605   -12.572 -5.373  1.00 51.21 ? 17 DA  B "C3'" 1 
ATOM   331 O "O3'" . DA  B 1 5  ? 1.512   -12.822 -4.297  1.00 55.26 ? 17 DA  B "O3'" 1 
ATOM   332 C "C2'" . DA  B 1 5  ? -0.265  -11.344 -5.180  1.00 49.45 ? 17 DA  B "C2'" 1 
ATOM   333 C "C1'" . DA  B 1 5  ? 0.547   -10.224 -5.813  1.00 42.85 ? 17 DA  B "C1'" 1 
ATOM   334 N N9    . DA  B 1 5  ? -0.286  -9.224  -6.466  1.00 31.89 ? 17 DA  B N9    1 
ATOM   335 C C8    . DA  B 1 5  ? -1.374  -9.446  -7.266  1.00 31.64 ? 17 DA  B C8    1 
ATOM   336 N N7    . DA  B 1 5  ? -1.917  -8.352  -7.729  1.00 31.56 ? 17 DA  B N7    1 
ATOM   337 C C5    . DA  B 1 5  ? -1.135  -7.341  -7.188  1.00 27.55 ? 17 DA  B C5    1 
ATOM   338 C C6    . DA  B 1 5  ? -1.192  -5.938  -7.293  1.00 32.51 ? 17 DA  B C6    1 
ATOM   339 N N6    . DA  B 1 5  ? -2.095  -5.279  -8.037  1.00 30.42 ? 17 DA  B N6    1 
ATOM   340 N N1    . DA  B 1 5  ? -0.271  -5.220  -6.606  1.00 37.26 ? 17 DA  B N1    1 
ATOM   341 C C2    . DA  B 1 5  ? 0.651   -5.881  -5.891  1.00 32.27 ? 17 DA  B C2    1 
ATOM   342 N N3    . DA  B 1 5  ? 0.808   -7.189  -5.731  1.00 34.11 ? 17 DA  B N3    1 
ATOM   343 C C4    . DA  B 1 5  ? -0.131  -7.868  -6.407  1.00 27.04 ? 17 DA  B C4    1 
ATOM   344 P P     . DA  B 1 6  ? 0.970   -12.957 -2.795  1.00 58.23 ? 18 DA  B P     1 
ATOM   345 O OP1   . DA  B 1 6  ? 2.045   -13.682 -2.077  1.00 64.57 ? 18 DA  B OP1   1 
ATOM   346 O OP2   . DA  B 1 6  ? -0.432  -13.460 -2.745  1.00 56.89 ? 18 DA  B OP2   1 
ATOM   347 O "O5'" . DA  B 1 6  ? 0.976   -11.450 -2.311  1.00 53.31 ? 18 DA  B "O5'" 1 
ATOM   348 C "C5'" . DA  B 1 6  ? 2.209   -10.757 -2.238  1.00 49.46 ? 18 DA  B "C5'" 1 
ATOM   349 C "C4'" . DA  B 1 6  ? 2.028   -9.445  -1.521  1.00 46.50 ? 18 DA  B "C4'" 1 
ATOM   350 O "O4'" . DA  B 1 6  ? 1.292   -8.546  -2.374  1.00 43.08 ? 18 DA  B "O4'" 1 
ATOM   351 C "C3'" . DA  B 1 6  ? 1.253   -9.521  -0.207  1.00 45.06 ? 18 DA  B "C3'" 1 
ATOM   352 O "O3'" . DA  B 1 6  ? 1.988   -8.875  0.832   1.00 56.19 ? 18 DA  B "O3'" 1 
ATOM   353 C "C2'" . DA  B 1 6  ? -0.071  -8.848  -0.510  1.00 40.00 ? 18 DA  B "C2'" 1 
ATOM   354 C "C1'" . DA  B 1 6  ? 0.259   -7.917  -1.653  1.00 34.07 ? 18 DA  B "C1'" 1 
ATOM   355 N N9    . DA  B 1 6  ? -0.842  -7.745  -2.560  1.00 24.77 ? 18 DA  B N9    1 
ATOM   356 C C8    . DA  B 1 6  ? -1.639  -8.716  -3.118  1.00 22.70 ? 18 DA  B C8    1 
ATOM   357 N N7    . DA  B 1 6  ? -2.579  -8.244  -3.895  1.00 21.28 ? 18 DA  B N7    1 
ATOM   358 C C5    . DA  B 1 6  ? -2.373  -6.868  -3.857  1.00 21.68 ? 18 DA  B C5    1 
ATOM   359 C C6    . DA  B 1 6  ? -3.024  -5.810  -4.480  1.00 19.16 ? 18 DA  B C6    1 
ATOM   360 N N6    . DA  B 1 6  ? -4.019  -5.979  -5.350  1.00 20.90 ? 18 DA  B N6    1 
ATOM   361 N N1    . DA  B 1 6  ? -2.605  -4.557  -4.202  1.00 19.69 ? 18 DA  B N1    1 
ATOM   362 C C2    . DA  B 1 6  ? -1.562  -4.403  -3.382  1.00 24.19 ? 18 DA  B C2    1 
ATOM   363 N N3    . DA  B 1 6  ? -0.839  -5.330  -2.762  1.00 25.56 ? 18 DA  B N3    1 
ATOM   364 C C4    . DA  B 1 6  ? -1.309  -6.553  -3.040  1.00 22.65 ? 18 DA  B C4    1 
ATOM   365 P P     . DT  B 1 7  ? 1.319   -8.654  2.277   1.00 58.74 ? 19 DT  B P     1 
ATOM   366 O OP1   . DT  B 1 7  ? 2.437   -8.556  3.248   1.00 58.11 ? 19 DT  B OP1   1 
ATOM   367 O OP2   . DT  B 1 7  ? 0.275   -9.704  2.442   1.00 54.79 ? 19 DT  B OP2   1 
ATOM   368 O "O5'" . DT  B 1 7  ? 0.647   -7.219  2.123   1.00 52.27 ? 19 DT  B "O5'" 1 
ATOM   369 C "C5'" . DT  B 1 7  ? 1.441   -6.155  1.602   1.00 46.02 ? 19 DT  B "C5'" 1 
ATOM   370 C "C4'" . DT  B 1 7  ? 0.664   -4.865  1.548   1.00 39.33 ? 19 DT  B "C4'" 1 
ATOM   371 O "O4'" . DT  B 1 7  ? -0.334  -4.901  0.508   1.00 34.27 ? 19 DT  B "O4'" 1 
ATOM   372 C "C3'" . DT  B 1 7  ? -0.074  -4.520  2.830   1.00 38.11 ? 19 DT  B "C3'" 1 
ATOM   373 O "O3'" . DT  B 1 7  ? 0.357   -3.264  3.308   1.00 41.82 ? 19 DT  B "O3'" 1 
ATOM   374 C "C2'" . DT  B 1 7  ? -1.542  -4.522  2.446   1.00 33.72 ? 19 DT  B "C2'" 1 
ATOM   375 C "C1'" . DT  B 1 7  ? -1.521  -4.288  0.961   1.00 27.38 ? 19 DT  B "C1'" 1 
ATOM   376 N N1    . DT  B 1 7  ? -2.630  -4.923  0.263   1.00 26.67 ? 19 DT  B N1    1 
ATOM   377 C C2    . DT  B 1 7  ? -3.426  -4.158  -0.556  1.00 24.42 ? 19 DT  B C2    1 
ATOM   378 O O2    . DT  B 1 7  ? -3.283  -2.959  -0.705  1.00 29.39 ? 19 DT  B O2    1 
ATOM   379 N N3    . DT  B 1 7  ? -4.411  -4.849  -1.203  1.00 22.29 ? 19 DT  B N3    1 
ATOM   380 C C4    . DT  B 1 7  ? -4.672  -6.187  -1.129  1.00 21.18 ? 19 DT  B C4    1 
ATOM   381 O O4    . DT  B 1 7  ? -5.576  -6.662  -1.809  1.00 22.46 ? 19 DT  B O4    1 
ATOM   382 C C5    . DT  B 1 7  ? -3.809  -6.935  -0.236  1.00 24.99 ? 19 DT  B C5    1 
ATOM   383 C C7    . DT  B 1 7  ? -4.007  -8.413  -0.093  1.00 28.96 ? 19 DT  B C7    1 
ATOM   384 C C6    . DT  B 1 7  ? -2.851  -6.269  0.416   1.00 23.88 ? 19 DT  B C6    1 
ATOM   385 P P     . DT  B 1 8  ? -0.200  -2.734  4.710   1.00 45.63 ? 20 DT  B P     1 
ATOM   386 O OP1   . DT  B 1 8  ? 0.875   -1.868  5.264   1.00 53.43 ? 20 DT  B OP1   1 
ATOM   387 O OP2   . DT  B 1 8  ? -0.693  -3.894  5.489   1.00 48.08 ? 20 DT  B OP2   1 
ATOM   388 O "O5'" . DT  B 1 8  ? -1.478  -1.876  4.308   1.00 46.78 ? 20 DT  B "O5'" 1 
ATOM   389 C "C5'" . DT  B 1 8  ? -1.310  -0.779  3.420   1.00 40.06 ? 20 DT  B "C5'" 1 
ATOM   390 C "C4'" . DT  B 1 8  ? -2.633  -0.147  3.076   1.00 32.15 ? 20 DT  B "C4'" 1 
ATOM   391 O "O4'" . DT  B 1 8  ? -3.430  -1.027  2.259   1.00 34.71 ? 20 DT  B "O4'" 1 
ATOM   392 C "C3'" . DT  B 1 8  ? -3.511  0.250   4.250   1.00 33.29 ? 20 DT  B "C3'" 1 
ATOM   393 O "O3'" . DT  B 1 8  ? -3.608  1.660   4.261   1.00 39.96 ? 20 DT  B "O3'" 1 
ATOM   394 C "C2'" . DT  B 1 8  ? -4.838  -0.455  4.002   1.00 30.64 ? 20 DT  B "C2'" 1 
ATOM   395 C "C1'" . DT  B 1 8  ? -4.795  -0.805  2.532   1.00 30.08 ? 20 DT  B "C1'" 1 
ATOM   396 N N1    . DT  B 1 8  ? -5.495  -2.023  2.176   1.00 30.94 ? 20 DT  B N1    1 
ATOM   397 C C2    . DT  B 1 8  ? -6.553  -1.964  1.301   1.00 32.20 ? 20 DT  B C2    1 
ATOM   398 O O2    . DT  B 1 8  ? -6.989  -0.925  0.844   1.00 40.64 ? 20 DT  B O2    1 
ATOM   399 N N3    . DT  B 1 8  ? -7.092  -3.177  0.979   1.00 29.96 ? 20 DT  B N3    1 
ATOM   400 C C4    . DT  B 1 8  ? -6.692  -4.409  1.446   1.00 28.37 ? 20 DT  B C4    1 
ATOM   401 O O4    . DT  B 1 8  ? -7.255  -5.412  1.052   1.00 33.79 ? 20 DT  B O4    1 
ATOM   402 C C5    . DT  B 1 8  ? -5.604  -4.393  2.382   1.00 22.89 ? 20 DT  B C5    1 
ATOM   403 C C7    . DT  B 1 8  ? -5.114  -5.683  2.957   1.00 25.63 ? 20 DT  B C7    1 
ATOM   404 C C6    . DT  B 1 8  ? -5.068  -3.217  2.696   1.00 25.62 ? 20 DT  B C6    1 
ATOM   405 P P     . DC  B 1 9  ? -4.471  2.385   5.385   1.00 44.53 ? 21 DC  B P     1 
ATOM   406 O OP1   . DC  B 1 9  ? -4.018  3.799   5.389   1.00 48.14 ? 21 DC  B OP1   1 
ATOM   407 O OP2   . DC  B 1 9  ? -4.457  1.591   6.638   1.00 43.96 ? 21 DC  B OP2   1 
ATOM   408 O "O5'" . DC  B 1 9  ? -5.933  2.292   4.784   1.00 41.31 ? 21 DC  B "O5'" 1 
ATOM   409 C "C5'" . DC  B 1 9  ? -6.181  2.866   3.517   1.00 38.02 ? 21 DC  B "C5'" 1 
ATOM   410 C "C4'" . DC  B 1 9  ? -7.649  2.802   3.202   1.00 37.43 ? 21 DC  B "C4'" 1 
ATOM   411 O "O4'" . DC  B 1 9  ? -8.009  1.461   2.816   1.00 36.23 ? 21 DC  B "O4'" 1 
ATOM   412 C "C3'" . DC  B 1 9  ? -8.542  3.179   4.380   1.00 41.77 ? 21 DC  B "C3'" 1 
ATOM   413 O "O3'" . DC  B 1 9  ? -9.362  4.285   3.967   1.00 52.72 ? 21 DC  B "O3'" 1 
ATOM   414 C "C2'" . DC  B 1 9  ? -9.247  1.878   4.753   1.00 37.23 ? 21 DC  B "C2'" 1 
ATOM   415 C "C1'" . DC  B 1 9  ? -9.210  1.088   3.454   1.00 35.93 ? 21 DC  B "C1'" 1 
ATOM   416 N N1    . DC  B 1 9  ? -9.203  -0.385  3.561   1.00 35.23 ? 21 DC  B N1    1 
ATOM   417 C C2    . DC  B 1 9  ? -9.984  -1.125  2.659   1.00 32.93 ? 21 DC  B C2    1 
ATOM   418 O O2    . DC  B 1 9  ? -10.719 -0.516  1.852   1.00 33.29 ? 21 DC  B O2    1 
ATOM   419 N N3    . DC  B 1 9  ? -9.923  -2.480  2.685   1.00 29.55 ? 21 DC  B N3    1 
ATOM   420 C C4    . DC  B 1 9  ? -9.129  -3.094  3.566   1.00 33.50 ? 21 DC  B C4    1 
ATOM   421 N N4    . DC  B 1 9  ? -9.059  -4.422  3.517   1.00 35.75 ? 21 DC  B N4    1 
ATOM   422 C C5    . DC  B 1 9  ? -8.360  -2.369  4.528   1.00 31.23 ? 21 DC  B C5    1 
ATOM   423 C C6    . DC  B 1 9  ? -8.428  -1.026  4.491   1.00 37.42 ? 21 DC  B C6    1 
ATOM   424 P P     . DG  B 1 10 ? -10.207 5.126   5.049   1.00 54.51 ? 22 DG  B P     1 
ATOM   425 O OP1   . DG  B 1 10 ? -10.270 6.548   4.611   1.00 52.67 ? 22 DG  B OP1   1 
ATOM   426 O OP2   . DG  B 1 10 ? -9.655  4.781   6.390   1.00 56.42 ? 22 DG  B OP2   1 
ATOM   427 O "O5'" . DG  B 1 10 ? -11.666 4.505   4.903   1.00 54.92 ? 22 DG  B "O5'" 1 
ATOM   428 C "C5'" . DG  B 1 10 ? -12.264 4.471   3.610   1.00 47.95 ? 22 DG  B "C5'" 1 
ATOM   429 C "C4'" . DG  B 1 10 ? -13.503 3.609   3.593   1.00 45.58 ? 22 DG  B "C4'" 1 
ATOM   430 O "O4'" . DG  B 1 10 ? -13.242 2.189   3.623   1.00 43.63 ? 22 DG  B "O4'" 1 
ATOM   431 C "C3'" . DG  B 1 10 ? -14.541 3.882   4.664   1.00 42.64 ? 22 DG  B "C3'" 1 
ATOM   432 O "O3'" . DG  B 1 10 ? -15.708 4.240   3.937   1.00 49.01 ? 22 DG  B "O3'" 1 
ATOM   433 C "C2'" . DG  B 1 10 ? -14.582 2.602   5.487   1.00 35.20 ? 22 DG  B "C2'" 1 
ATOM   434 C "C1'" . DG  B 1 10 ? -14.113 1.537   4.518   1.00 32.44 ? 22 DG  B "C1'" 1 
ATOM   435 N N9    . DG  B 1 10 ? -13.363 0.436   5.097   1.00 30.74 ? 22 DG  B N9    1 
ATOM   436 C C8    . DG  B 1 10 ? -12.414 0.494   6.096   1.00 31.27 ? 22 DG  B C8    1 
ATOM   437 N N7    . DG  B 1 10 ? -11.851 -0.665  6.335   1.00 27.93 ? 22 DG  B N7    1 
ATOM   438 C C5    . DG  B 1 10 ? -12.476 -1.540  5.449   1.00 27.12 ? 22 DG  B C5    1 
ATOM   439 C C6    . DG  B 1 10 ? -12.273 -2.934  5.214   1.00 25.02 ? 22 DG  B C6    1 
ATOM   440 O O6    . DG  B 1 10 ? -11.486 -3.711  5.768   1.00 26.93 ? 22 DG  B O6    1 
ATOM   441 N N1    . DG  B 1 10 ? -13.115 -3.406  4.222   1.00 17.80 ? 22 DG  B N1    1 
ATOM   442 C C2    . DG  B 1 10 ? -14.041 -2.656  3.552   1.00 19.36 ? 22 DG  B C2    1 
ATOM   443 N N2    . DG  B 1 10 ? -14.762 -3.300  2.641   1.00 20.96 ? 22 DG  B N2    1 
ATOM   444 N N3    . DG  B 1 10 ? -14.246 -1.377  3.755   1.00 18.62 ? 22 DG  B N3    1 
ATOM   445 C C4    . DG  B 1 10 ? -13.431 -0.880  4.702   1.00 25.96 ? 22 DG  B C4    1 
ATOM   446 P P     . DC  B 1 11 ? -17.061 4.574   4.699   1.00 54.06 ? 23 DC  B P     1 
ATOM   447 O OP1   . DC  B 1 11 ? -17.709 5.682   3.950   1.00 61.51 ? 23 DC  B OP1   1 
ATOM   448 O OP2   . DC  B 1 11 ? -16.758 4.732   6.148   1.00 52.16 ? 23 DC  B OP2   1 
ATOM   449 O "O5'" . DC  B 1 11 ? -17.904 3.253   4.437   1.00 55.18 ? 23 DC  B "O5'" 1 
ATOM   450 C "C5'" . DC  B 1 11 ? -18.233 2.906   3.094   1.00 49.24 ? 23 DC  B "C5'" 1 
ATOM   451 C "C4'" . DC  B 1 11 ? -19.072 1.655   3.059   1.00 44.28 ? 23 DC  B "C4'" 1 
ATOM   452 O "O4'" . DC  B 1 11 ? -18.233 0.519   3.362   1.00 41.28 ? 23 DC  B "O4'" 1 
ATOM   453 C "C3'" . DC  B 1 11 ? -20.207 1.653   4.075   1.00 44.25 ? 23 DC  B "C3'" 1 
ATOM   454 O "O3'" . DC  B 1 11 ? -21.482 1.496   3.457   1.00 45.25 ? 23 DC  B "O3'" 1 
ATOM   455 C "C2'" . DC  B 1 11 ? -19.836 0.575   5.076   1.00 45.23 ? 23 DC  B "C2'" 1 
ATOM   456 C "C1'" . DC  B 1 11 ? -18.792 -0.284  4.382   1.00 39.22 ? 23 DC  B "C1'" 1 
ATOM   457 N N1    . DC  B 1 11 ? -17.706 -0.633  5.307   1.00 35.52 ? 23 DC  B N1    1 
ATOM   458 C C2    . DC  B 1 11 ? -17.245 -1.945  5.354   1.00 34.58 ? 23 DC  B C2    1 
ATOM   459 O O2    . DC  B 1 11 ? -17.741 -2.783  4.581   1.00 33.35 ? 23 DC  B O2    1 
ATOM   460 N N3    . DC  B 1 11 ? -16.267 -2.269  6.240   1.00 31.60 ? 23 DC  B N3    1 
ATOM   461 C C4    . DC  B 1 11 ? -15.758 -1.326  7.045   1.00 35.95 ? 23 DC  B C4    1 
ATOM   462 N N4    . DC  B 1 11 ? -14.815 -1.682  7.920   1.00 33.90 ? 23 DC  B N4    1 
ATOM   463 C C5    . DC  B 1 11 ? -16.199 0.026   6.995   1.00 31.12 ? 23 DC  B C5    1 
ATOM   464 C C6    . DC  B 1 11 ? -17.162 0.324   6.122   1.00 34.70 ? 23 DC  B C6    1 
ATOM   465 P P     . DG  B 1 12 ? -22.809 1.453   4.368   1.00 50.22 ? 24 DG  B P     1 
ATOM   466 O OP1   . DG  B 1 12 ? -23.875 2.124   3.584   1.00 54.57 ? 24 DG  B OP1   1 
ATOM   467 O OP2   . DG  B 1 12 ? -22.485 1.927   5.738   1.00 40.39 ? 24 DG  B OP2   1 
ATOM   468 O "O5'" . DG  B 1 12 ? -23.113 -0.106  4.501   1.00 49.40 ? 24 DG  B "O5'" 1 
ATOM   469 C "C5'" . DG  B 1 12 ? -23.145 -0.922  3.325   1.00 47.94 ? 24 DG  B "C5'" 1 
ATOM   470 C "C4'" . DG  B 1 12 ? -23.152 -2.386  3.697   1.00 48.17 ? 24 DG  B "C4'" 1 
ATOM   471 O "O4'" . DG  B 1 12 ? -21.896 -2.732  4.331   1.00 39.32 ? 24 DG  B "O4'" 1 
ATOM   472 C "C3'" . DG  B 1 12 ? -24.252 -2.746  4.699   1.00 46.69 ? 24 DG  B "C3'" 1 
ATOM   473 O "O3'" . DG  B 1 12 ? -24.700 -4.096  4.531   1.00 58.86 ? 24 DG  B "O3'" 1 
ATOM   474 C "C2'" . DG  B 1 12 ? -23.534 -2.651  6.022   1.00 48.18 ? 24 DG  B "C2'" 1 
ATOM   475 C "C1'" . DG  B 1 12 ? -22.157 -3.184  5.655   1.00 41.15 ? 24 DG  B "C1'" 1 
ATOM   476 N N9    . DG  B 1 12 ? -21.136 -2.655  6.535   1.00 28.65 ? 24 DG  B N9    1 
ATOM   477 C C8    . DG  B 1 12 ? -20.943 -1.343  6.879   1.00 30.90 ? 24 DG  B C8    1 
ATOM   478 N N7    . DG  B 1 12 ? -19.994 -1.177  7.750   1.00 27.50 ? 24 DG  B N7    1 
ATOM   479 C C5    . DG  B 1 12 ? -19.520 -2.459  7.977   1.00 26.11 ? 24 DG  B C5    1 
ATOM   480 C C6    . DG  B 1 12 ? -18.494 -2.913  8.821   1.00 23.70 ? 24 DG  B C6    1 
ATOM   481 O O6    . DG  B 1 12 ? -17.774 -2.253  9.570   1.00 27.51 ? 24 DG  B O6    1 
ATOM   482 N N1    . DG  B 1 12 ? -18.345 -4.293  8.748   1.00 23.76 ? 24 DG  B N1    1 
ATOM   483 C C2    . DG  B 1 12 ? -19.101 -5.124  7.960   1.00 20.55 ? 24 DG  B C2    1 
ATOM   484 N N2    . DG  B 1 12 ? -18.838 -6.426  8.041   1.00 26.27 ? 24 DG  B N2    1 
ATOM   485 N N3    . DG  B 1 12 ? -20.051 -4.708  7.157   1.00 22.39 ? 24 DG  B N3    1 
ATOM   486 C C4    . DG  B 1 12 ? -20.210 -3.376  7.219   1.00 24.27 ? 24 DG  B C4    1 
HETATM 487 C C10   . D19 C 2 .  ? 4.868   -7.294  -0.560  1.00 45.38 ? 25 D19 A C10   1 
HETATM 488 C C9    . D19 C 2 .  ? 5.739   -6.292  -1.296  1.00 48.00 ? 25 D19 A C9    1 
HETATM 489 C C8    . D19 C 2 .  ? 4.252   -6.376  -1.597  1.00 46.89 ? 25 D19 A C8    1 
HETATM 490 N N2    . D19 C 2 .  ? 3.739   -5.201  -1.257  1.00 46.15 ? 25 D19 A N2    1 
HETATM 491 C C7    . D19 C 2 .  ? 2.786   -4.589  -1.962  1.00 43.56 ? 25 D19 A C7    1 
HETATM 492 N N1    . D19 C 2 .  ? 2.573   -4.878  -3.234  1.00 43.26 ? 25 D19 A N1    1 
HETATM 493 C C1    . D19 C 2 .  ? 0.705   -1.188  -0.428  1.00 38.82 ? 25 D19 A C1    1 
HETATM 494 C C2    . D19 C 2 .  ? 0.031   -2.147  -1.194  1.00 37.11 ? 25 D19 A C2    1 
HETATM 495 C C3    . D19 C 2 .  ? 0.715   -3.280  -1.658  1.00 41.38 ? 25 D19 A C3    1 
HETATM 496 C C4    . D19 C 2 .  ? 2.056   -3.484  -1.355  1.00 43.65 ? 25 D19 A C4    1 
HETATM 497 C C5    . D19 C 2 .  ? 2.749   -2.542  -0.572  1.00 45.03 ? 25 D19 A C5    1 
HETATM 498 C C6    . D19 C 2 .  ? 2.071   -1.388  -0.111  1.00 43.21 ? 25 D19 A C6    1 
HETATM 499 C CA    . D19 C 2 .  ? 0.000   0.000   0.000   1.00 37.34 ? 25 D19 A CA    1 
HETATM 500 C CB    . D19 C 2 .  ? 0.406   1.091   0.719   1.00 35.55 ? 25 D19 A CB    1 
HETATM 501 C "CB'" . D19 C 2 .  ? -0.729  2.004   0.829   1.00 36.96 ? 25 D19 A "CB'" 1 
HETATM 502 C "CA'" . D19 C 2 .  ? -1.764  1.361   0.214   1.00 36.14 ? 25 D19 A "CA'" 1 
HETATM 503 O O1    . D19 C 2 .  ? -1.361  0.135   -0.350  1.00 37.35 ? 25 D19 A O1    1 
HETATM 504 C "C1'" . D19 C 2 .  ? -3.126  1.690   0.083   1.00 35.50 ? 25 D19 A "C1'" 1 
HETATM 505 C "C2'" . D19 C 2 .  ? -3.901  0.746   -0.582  1.00 38.90 ? 25 D19 A "C2'" 1 
HETATM 506 C "C3'" . D19 C 2 .  ? -5.277  0.900   -0.741  1.00 39.39 ? 25 D19 A "C3'" 1 
HETATM 507 C "C4'" . D19 C 2 .  ? -5.883  2.037   -0.227  1.00 43.96 ? 25 D19 A "C4'" 1 
HETATM 508 C "C5'" . D19 C 2 .  ? -5.069  3.002   0.439   1.00 43.66 ? 25 D19 A "C5'" 1 
HETATM 509 C "C6'" . D19 C 2 .  ? -3.680  2.845   0.607   1.00 38.82 ? 25 D19 A "C6'" 1 
HETATM 510 C "C7'" . D19 C 2 .  ? -7.353  2.236   -0.463  1.00 46.87 ? 25 D19 A "C7'" 1 
HETATM 511 N "N1'" . D19 C 2 .  ? -8.137  1.205   -0.854  1.00 43.96 ? 25 D19 A "N1'" 1 
HETATM 512 N "N2'" . D19 C 2 .  ? -7.840  3.500   -0.389  1.00 55.62 ? 25 D19 A "N2'" 1 
HETATM 513 C "C8'" . D19 C 2 .  ? -8.910  3.940   -1.081  1.00 60.30 ? 25 D19 A "C8'" 1 
HETATM 514 C "C9'" . D19 C 2 .  ? -8.865  5.345   -1.642  1.00 58.15 ? 25 D19 A "C9'" 1 
HETATM 515 C CAX   . D19 C 2 .  ? -9.620  5.059   -0.323  1.00 60.33 ? 25 D19 A CAX   1 
HETATM 516 O O     . HOH D 3 .  ? -11.696 4.250   -9.859  1.00 39.03 ? 26 HOH A O     1 
HETATM 517 O O     . HOH D 3 .  ? -5.523  5.647   -0.469  1.00 42.51 ? 28 HOH A O     1 
HETATM 518 O O     . HOH D 3 .  ? -10.841 0.882   -1.276  1.00 65.44 ? 29 HOH A O     1 
HETATM 519 O O     . HOH D 3 .  ? 2.361   7.855   -1.650  1.00 39.87 ? 32 HOH A O     1 
HETATM 520 O O     . HOH D 3 .  ? -6.264  7.104   -2.537  1.00 52.52 ? 39 HOH A O     1 
HETATM 521 O O     . HOH D 3 .  ? -2.912  3.460   -8.974  1.00 43.32 ? 41 HOH A O     1 
HETATM 522 O O     . HOH D 3 .  ? -10.314 6.252   -8.934  1.00 40.23 ? 43 HOH A O     1 
HETATM 523 O O     . HOH D 3 .  ? -5.448  2.934   -8.587  1.00 35.88 ? 51 HOH A O     1 
HETATM 524 O O     . HOH D 3 .  ? -1.550  8.724   -3.568  1.00 50.21 ? 53 HOH A O     1 
HETATM 525 O O     . HOH D 3 .  ? 3.382   6.075   -3.219  1.00 48.24 ? 54 HOH A O     1 
HETATM 526 O O     . HOH D 3 .  ? -11.525 -11.656 1.581   1.00 58.16 ? 55 HOH A O     1 
HETATM 527 O O     . HOH D 3 .  ? -15.184 -2.590  -1.942  1.00 56.12 ? 56 HOH A O     1 
HETATM 528 O O     . HOH D 3 .  ? -11.864 -4.627  8.796   1.00 52.33 ? 57 HOH A O     1 
HETATM 529 O O     . HOH D 3 .  ? -3.071  5.746   -11.192 1.00 63.65 ? 59 HOH A O     1 
HETATM 530 O O     . HOH D 3 .  ? -12.246 -12.729 13.685  1.00 47.07 ? 64 HOH A O     1 
HETATM 531 O O     . HOH D 3 .  ? -18.170 -3.093  14.101  1.00 47.69 ? 66 HOH A O     1 
HETATM 532 O O     . HOH D 3 .  ? -19.499 -5.534  -4.198  1.00 72.03 ? 68 HOH A O     1 
HETATM 533 O O     . HOH D 3 .  ? -15.952 -14.895 11.971  1.00 54.39 ? 71 HOH A O     1 
HETATM 534 O O     . HOH D 3 .  ? -8.170  7.969   -4.001  1.00 71.04 ? 72 HOH A O     1 
HETATM 535 O O     . HOH D 3 .  ? -13.844 -0.636  -10.582 1.00 77.30 ? 75 HOH A O     1 
HETATM 536 O O     . HOH E 3 .  ? 1.841   -11.344 5.705   1.00 57.08 ? 27 HOH B O     1 
HETATM 537 O O     . HOH E 3 .  ? -18.801 -0.331  10.811  1.00 51.83 ? 30 HOH B O     1 
HETATM 538 O O     . HOH E 3 .  ? 0.708   -16.789 -1.873  1.00 70.36 ? 31 HOH B O     1 
HETATM 539 O O     . HOH E 3 .  ? -23.763 4.622   5.930   1.00 75.00 ? 33 HOH B O     1 
HETATM 540 O O     . HOH E 3 .  ? -25.792 -1.380  5.813   1.00 41.06 ? 34 HOH B O     1 
HETATM 541 O O     . HOH E 3 .  ? -8.333  -8.100  1.345   1.00 63.41 ? 35 HOH B O     1 
HETATM 542 O O     . HOH E 3 .  ? -2.526  -7.119  6.058   1.00 55.66 ? 36 HOH B O     1 
HETATM 543 O O     . HOH E 3 .  ? -2.642  -5.092  -12.407 1.00 65.29 ? 37 HOH B O     1 
HETATM 544 O O     . HOH E 3 .  ? 0.517   -16.989 -4.522  1.00 42.59 ? 38 HOH B O     1 
HETATM 545 O O     . HOH E 3 .  ? -0.124  -15.120 0.212   1.00 74.43 ? 40 HOH B O     1 
HETATM 546 O O     . HOH E 3 .  ? -6.754  6.402   6.896   1.00 29.68 ? 42 HOH B O     1 
HETATM 547 O O     . HOH E 3 .  ? -0.043  -14.901 2.758   1.00 49.74 ? 44 HOH B O     1 
HETATM 548 O O     . HOH E 3 .  ? 1.945   -13.467 1.652   1.00 38.26 ? 45 HOH B O     1 
HETATM 549 O O     . HOH E 3 .  ? -3.023  -7.656  3.153   1.00 66.18 ? 46 HOH B O     1 
HETATM 550 O O     . HOH E 3 .  ? -2.155  -4.445  -16.227 1.00 50.76 ? 47 HOH B O     1 
HETATM 551 O O     . HOH E 3 .  ? 4.350   -13.698 0.049   1.00 47.80 ? 48 HOH B O     1 
HETATM 552 O O     . HOH E 3 .  ? -22.566 0.340   0.754   1.00 68.78 ? 49 HOH B O     1 
HETATM 553 O O     . HOH E 3 .  ? -0.922  -0.560  -20.333 1.00 58.98 ? 50 HOH B O     1 
HETATM 554 O O     . HOH E 3 .  ? 0.187   -16.280 -11.933 1.00 41.34 ? 52 HOH B O     1 
HETATM 555 O O     . HOH E 3 .  ? -14.750 7.461   4.175   1.00 82.10 ? 58 HOH B O     1 
HETATM 556 O O     . HOH E 3 .  ? -6.973  -4.619  6.329   1.00 50.21 ? 60 HOH B O     1 
HETATM 557 O O     . HOH E 3 .  ? 2.989   -8.633  -4.315  1.00 52.41 ? 61 HOH B O     1 
HETATM 558 O O     . HOH E 3 .  ? 6.617   2.894   -18.164 1.00 67.19 ? 62 HOH B O     1 
HETATM 559 O O     . HOH E 3 .  ? -2.324  -10.329 2.355   1.00 71.25 ? 63 HOH B O     1 
HETATM 560 O O     . HOH E 3 .  ? -6.734  3.361   9.186   1.00 49.72 ? 65 HOH B O     1 
HETATM 561 O O     . HOH E 3 .  ? -19.475 1.468   8.376   1.00 53.93 ? 67 HOH B O     1 
HETATM 562 O O     . HOH E 3 .  ? -9.706  -0.512  8.108   1.00 47.64 ? 69 HOH B O     1 
HETATM 563 O O     . HOH E 3 .  ? -2.947  -17.346 -1.305  1.00 48.00 ? 70 HOH B O     1 
HETATM 564 O O     . HOH E 3 .  ? 0.034   -19.452 -0.654  1.00 69.00 ? 73 HOH B O     1 
HETATM 565 O O     . HOH E 3 .  ? -2.246  -15.193 -13.298 1.00 78.84 ? 74 HOH B O     1 
HETATM 566 O O     . HOH E 3 .  ? -4.382  -6.543  -15.960 1.00 73.91 ? 76 HOH B O     1 
# 
